data_6SSE
#
_entry.id   6SSE
#
_cell.length_a   58.264
_cell.length_b   125.828
_cell.length_c   142.747
_cell.angle_alpha   90.000
_cell.angle_beta   90.000
_cell.angle_gamma   90.000
#
_symmetry.space_group_name_H-M   'P 21 21 21'
#
loop_
_entity.id
_entity.type
_entity.pdbx_description
1 polymer ForI-PMP
2 non-polymer "4'-DEOXY-4'-AMINOPYRIDOXAL-5'-PHOSPHATE"
3 non-polymer 'SULFATE ION'
4 water water
#
_entity_poly.entity_id   1
_entity_poly.type   'polypeptide(L)'
_entity_poly.pdbx_seq_one_letter_code
;AMITEKSAALYARAVEVMPGGNSRTAVYSSPYPVYVRSGSGARVTDVDGVERIDFLNNSTTLIHGHAHPEMVEAIAAAVG
HGTSFGMPTPVEVEYAEALSARNETFEHVRFTSSGTEAVMMAVQAARAYTERPKIAKIAGAYHGAYDAVAVNNDGSGNLI
SHAVTGNPEGVVANTVVIPFNDPEGSLEVLRRHADDLACVLIDPVPWRIGLLPASKEWLDALREFCDASGAVLISDEVGS
YRVGYHGAMQLLGAEADITVMGKVIAAGMPIGAVAGRRRFMSVFDPSKGKPALPHSGSYNANPVSMSSGIASLRLLTPQA
HERIGQLGEQARGSMRTALGEAGLDWEVNGLGSLFRVVANSAPAGYDSAAAAMKALYWKLLENGIHIGDSGLGCISTPMG
EEEIAEYAVAFAKSLGQVLAEGRA
;
_entity_poly.pdbx_strand_id   A,B
#
loop_
_chem_comp.id
_chem_comp.type
_chem_comp.name
_chem_comp.formula
PMP non-polymer 4'-DEOXY-4'-AMINOPYRIDOXAL-5'-PHOSPHATE 'C8 H13 N2 O5 P'
SO4 non-polymer 'SULFATE ION' 'O4 S -2'
#
# COMPACT_ATOMS: atom_id res chain seq x y z
N ALA A 1 -30.00 -24.39 -6.88
CA ALA A 1 -30.78 -23.36 -6.15
C ALA A 1 -30.13 -21.98 -6.34
N MET A 2 -28.79 -21.91 -6.25
N MET A 2 -28.80 -21.90 -6.26
CA MET A 2 -28.00 -20.65 -6.18
CA MET A 2 -28.03 -20.64 -6.16
C MET A 2 -27.99 -19.93 -7.53
C MET A 2 -27.98 -19.93 -7.52
N ILE A 3 -28.46 -18.68 -7.59
CA ILE A 3 -28.49 -17.89 -8.85
C ILE A 3 -27.26 -16.97 -8.83
N THR A 4 -26.39 -17.11 -9.81
CA THR A 4 -25.17 -16.27 -9.91
C THR A 4 -25.05 -15.61 -11.29
N GLU A 5 -26.16 -15.34 -11.98
CA GLU A 5 -26.09 -14.81 -13.37
C GLU A 5 -25.48 -13.39 -13.39
N LYS A 6 -25.75 -12.55 -12.40
CA LYS A 6 -25.17 -11.18 -12.41
C LYS A 6 -23.69 -11.26 -12.07
N SER A 7 -23.27 -12.24 -11.27
CA SER A 7 -21.84 -12.47 -11.01
C SER A 7 -21.16 -12.92 -12.30
N ALA A 8 -21.77 -13.87 -13.02
CA ALA A 8 -21.19 -14.37 -14.28
C ALA A 8 -21.04 -13.22 -15.29
N ALA A 9 -22.00 -12.29 -15.36
CA ALA A 9 -21.98 -11.19 -16.33
C ALA A 9 -20.90 -10.18 -15.95
N LEU A 10 -20.73 -9.93 -14.65
CA LEU A 10 -19.59 -9.06 -14.24
C LEU A 10 -18.28 -9.75 -14.59
N TYR A 11 -18.14 -11.05 -14.38
CA TYR A 11 -16.90 -11.77 -14.68
C TYR A 11 -16.59 -11.70 -16.19
N ALA A 12 -17.61 -11.83 -17.03
CA ALA A 12 -17.45 -11.71 -18.50
C ALA A 12 -16.93 -10.32 -18.88
N ARG A 13 -17.35 -9.28 -18.20
CA ARG A 13 -16.78 -7.92 -18.41
C ARG A 13 -15.33 -7.94 -17.88
N ALA A 14 -15.15 -8.47 -16.69
CA ALA A 14 -13.84 -8.34 -15.98
C ALA A 14 -12.73 -8.98 -16.78
N VAL A 15 -12.96 -10.13 -17.41
CA VAL A 15 -11.89 -10.84 -18.17
C VAL A 15 -11.39 -10.01 -19.34
N GLU A 16 -12.13 -9.01 -19.83
CA GLU A 16 -11.70 -8.17 -20.98
C GLU A 16 -10.75 -7.06 -20.48
N VAL A 17 -10.70 -6.76 -19.15
CA VAL A 17 -9.93 -5.58 -18.67
C VAL A 17 -9.00 -5.93 -17.48
N MET A 18 -9.00 -7.16 -17.01
CA MET A 18 -8.09 -7.62 -15.92
CA MET A 18 -8.10 -7.61 -15.91
C MET A 18 -7.60 -9.01 -16.28
N PRO A 19 -6.40 -9.40 -15.81
CA PRO A 19 -5.88 -10.73 -16.11
C PRO A 19 -6.72 -11.84 -15.45
N GLY A 20 -7.35 -12.65 -16.28
CA GLY A 20 -8.29 -13.66 -15.75
C GLY A 20 -9.43 -13.01 -14.98
N GLY A 21 -9.75 -11.74 -15.24
CA GLY A 21 -10.86 -11.02 -14.59
C GLY A 21 -10.59 -10.79 -13.10
N ASN A 22 -9.33 -10.67 -12.75
CA ASN A 22 -8.90 -10.71 -11.32
C ASN A 22 -7.96 -9.56 -10.98
N SER A 23 -8.11 -8.99 -9.77
CA SER A 23 -7.22 -7.91 -9.27
C SER A 23 -6.68 -8.25 -7.87
N ARG A 24 -6.95 -9.44 -7.37
CA ARG A 24 -6.61 -9.86 -6.01
C ARG A 24 -6.72 -11.39 -5.97
N THR A 25 -5.61 -12.08 -5.94
CA THR A 25 -5.61 -13.54 -6.19
C THR A 25 -6.52 -14.22 -5.19
N ALA A 26 -6.45 -13.77 -3.92
CA ALA A 26 -7.13 -14.46 -2.80
C ALA A 26 -8.65 -14.47 -2.98
N VAL A 27 -9.24 -13.60 -3.77
CA VAL A 27 -10.72 -13.53 -3.86
C VAL A 27 -11.22 -14.24 -5.12
N TYR A 28 -10.33 -14.79 -5.94
CA TYR A 28 -10.70 -15.52 -7.17
C TYR A 28 -11.17 -16.94 -6.79
N SER A 29 -12.24 -17.38 -7.43
CA SER A 29 -12.72 -18.80 -7.37
C SER A 29 -13.07 -19.23 -8.79
N SER A 30 -12.89 -20.52 -9.13
CA SER A 30 -13.31 -21.09 -10.44
C SER A 30 -14.77 -21.55 -10.37
N PRO A 31 -15.59 -21.36 -11.42
CA PRO A 31 -15.19 -20.68 -12.66
C PRO A 31 -15.19 -19.15 -12.55
N TYR A 32 -15.88 -18.61 -11.54
CA TYR A 32 -15.81 -17.16 -11.24
C TYR A 32 -16.22 -17.00 -9.78
N PRO A 33 -15.80 -15.91 -9.13
CA PRO A 33 -16.24 -15.64 -7.78
C PRO A 33 -17.63 -15.00 -7.75
N VAL A 34 -18.27 -15.01 -6.57
CA VAL A 34 -19.49 -14.23 -6.33
C VAL A 34 -19.07 -12.77 -6.14
N TYR A 35 -19.71 -11.87 -6.85
CA TYR A 35 -19.53 -10.41 -6.73
C TYR A 35 -20.53 -9.90 -5.72
N VAL A 36 -20.16 -8.85 -4.99
CA VAL A 36 -21.04 -8.34 -3.90
C VAL A 36 -21.25 -6.85 -4.11
N ARG A 37 -22.37 -6.32 -3.68
CA ARG A 37 -22.61 -4.87 -3.84
C ARG A 37 -22.66 -4.10 -2.53
N SER A 38 -23.04 -4.69 -1.44
CA SER A 38 -23.16 -3.93 -0.17
CA SER A 38 -23.24 -3.93 -0.18
C SER A 38 -23.08 -4.86 1.03
N GLY A 39 -22.71 -4.27 2.13
CA GLY A 39 -22.69 -4.96 3.41
C GLY A 39 -23.36 -4.10 4.45
N SER A 40 -23.98 -4.75 5.42
CA SER A 40 -24.62 -4.06 6.56
C SER A 40 -24.49 -4.94 7.80
N GLY A 41 -23.79 -4.51 8.81
CA GLY A 41 -23.57 -5.31 10.01
C GLY A 41 -22.80 -6.58 9.72
N ALA A 42 -23.35 -7.74 10.00
CA ALA A 42 -22.67 -9.03 9.75
C ALA A 42 -23.01 -9.57 8.37
N ARG A 43 -23.82 -8.88 7.56
CA ARG A 43 -24.38 -9.49 6.35
C ARG A 43 -23.93 -8.77 5.08
N VAL A 44 -23.71 -9.55 4.04
CA VAL A 44 -23.28 -9.07 2.70
C VAL A 44 -24.30 -9.47 1.67
N THR A 45 -24.70 -8.52 0.86
CA THR A 45 -25.64 -8.74 -0.24
C THR A 45 -24.90 -8.86 -1.55
N ASP A 46 -25.08 -9.97 -2.24
CA ASP A 46 -24.42 -10.18 -3.56
C ASP A 46 -25.16 -9.47 -4.69
N VAL A 47 -24.56 -9.44 -5.86
CA VAL A 47 -25.09 -8.67 -7.01
C VAL A 47 -26.39 -9.31 -7.54
N ASP A 48 -26.65 -10.56 -7.21
CA ASP A 48 -27.92 -11.26 -7.52
C ASP A 48 -28.96 -11.00 -6.39
N GLY A 49 -28.67 -10.11 -5.44
CA GLY A 49 -29.58 -9.72 -4.36
C GLY A 49 -29.68 -10.68 -3.20
N VAL A 50 -28.79 -11.66 -3.08
CA VAL A 50 -28.80 -12.69 -2.01
C VAL A 50 -27.96 -12.23 -0.82
N GLU A 51 -28.59 -12.16 0.35
CA GLU A 51 -27.94 -11.75 1.62
C GLU A 51 -27.39 -12.99 2.30
N ARG A 52 -26.13 -12.93 2.74
CA ARG A 52 -25.44 -14.00 3.48
C ARG A 52 -24.81 -13.42 4.73
N ILE A 53 -24.52 -14.26 5.70
CA ILE A 53 -23.75 -13.87 6.89
C ILE A 53 -22.26 -14.01 6.53
N ASP A 54 -21.50 -12.95 6.74
CA ASP A 54 -20.04 -12.91 6.41
C ASP A 54 -19.24 -13.38 7.62
N PHE A 55 -18.62 -14.56 7.55
CA PHE A 55 -17.71 -15.12 8.55
C PHE A 55 -16.27 -15.04 8.07
N LEU A 56 -15.94 -14.19 7.10
CA LEU A 56 -14.48 -13.93 6.92
C LEU A 56 -14.17 -12.43 6.89
N ASN A 57 -15.09 -11.55 6.56
CA ASN A 57 -14.95 -10.11 6.94
C ASN A 57 -13.71 -9.47 6.27
N ASN A 58 -13.61 -9.58 4.96
CA ASN A 58 -12.43 -9.11 4.19
C ASN A 58 -11.14 -9.61 4.82
N SER A 59 -10.98 -10.94 4.83
N SER A 59 -10.96 -10.93 4.83
N SER A 59 -10.98 -10.94 4.82
CA SER A 59 -9.74 -11.60 5.30
CA SER A 59 -9.68 -11.57 5.27
CA SER A 59 -9.75 -11.62 5.30
C SER A 59 -9.38 -11.12 6.70
C SER A 59 -9.37 -11.13 6.71
C SER A 59 -9.38 -11.12 6.70
N THR A 60 -10.40 -11.03 7.55
CA THR A 60 -10.28 -10.73 9.00
C THR A 60 -10.03 -9.23 9.26
N THR A 61 -10.22 -8.37 8.29
CA THR A 61 -10.12 -6.90 8.47
C THR A 61 -11.30 -6.35 9.28
N LEU A 62 -12.55 -6.76 8.97
CA LEU A 62 -13.73 -5.99 9.39
C LEU A 62 -14.20 -6.43 10.78
N ILE A 63 -13.41 -6.16 11.80
CA ILE A 63 -13.74 -6.57 13.19
C ILE A 63 -15.11 -6.00 13.60
N HIS A 64 -15.50 -4.83 13.11
CA HIS A 64 -16.79 -4.19 13.43
C HIS A 64 -17.83 -4.48 12.35
N GLY A 65 -17.58 -5.51 11.50
CA GLY A 65 -18.50 -5.77 10.39
C GLY A 65 -18.60 -4.66 9.40
N HIS A 66 -19.64 -4.66 8.65
CA HIS A 66 -19.81 -3.87 7.42
C HIS A 66 -20.53 -2.56 7.73
N ALA A 67 -19.92 -1.46 7.32
CA ALA A 67 -20.58 -0.15 7.40
C ALA A 67 -21.15 0.07 8.78
N HIS A 68 -20.32 -0.10 9.79
CA HIS A 68 -20.72 0.20 11.18
C HIS A 68 -21.07 1.68 11.23
N PRO A 69 -22.23 2.06 11.73
CA PRO A 69 -22.63 3.46 11.69
C PRO A 69 -21.63 4.43 12.30
N GLU A 70 -20.96 4.04 13.38
CA GLU A 70 -19.97 4.94 14.03
C GLU A 70 -18.74 5.06 13.13
N MET A 71 -18.34 3.97 12.45
N MET A 71 -18.35 3.98 12.45
CA MET A 71 -17.22 3.99 11.47
CA MET A 71 -17.22 4.06 11.48
C MET A 71 -17.59 4.89 10.28
C MET A 71 -17.59 4.90 10.26
N VAL A 72 -18.78 4.70 9.73
CA VAL A 72 -19.28 5.45 8.55
C VAL A 72 -19.34 6.96 8.90
N GLU A 73 -19.82 7.30 10.10
CA GLU A 73 -19.91 8.73 10.46
C GLU A 73 -18.51 9.32 10.47
N ALA A 74 -17.56 8.64 11.14
CA ALA A 74 -16.19 9.18 11.32
C ALA A 74 -15.51 9.29 9.94
N ILE A 75 -15.62 8.28 9.14
CA ILE A 75 -14.95 8.24 7.79
C ILE A 75 -15.57 9.31 6.88
N ALA A 76 -16.89 9.40 6.80
CA ALA A 76 -17.55 10.41 5.95
C ALA A 76 -17.22 11.84 6.41
N ALA A 77 -17.10 12.10 7.71
CA ALA A 77 -16.75 13.45 8.20
C ALA A 77 -15.32 13.76 7.75
N ALA A 78 -14.41 12.79 7.87
CA ALA A 78 -13.01 13.03 7.44
C ALA A 78 -12.99 13.30 5.92
N VAL A 79 -13.65 12.49 5.12
CA VAL A 79 -13.73 12.69 3.63
C VAL A 79 -14.15 14.14 3.31
N GLY A 80 -15.12 14.67 4.05
CA GLY A 80 -15.66 16.01 3.75
C GLY A 80 -14.60 17.10 3.94
N HIS A 81 -13.64 16.88 4.83
CA HIS A 81 -12.56 17.84 5.15
C HIS A 81 -11.34 17.67 4.23
N GLY A 82 -11.27 16.61 3.44
CA GLY A 82 -10.14 16.39 2.52
C GLY A 82 -9.59 14.98 2.74
N THR A 83 -9.41 14.24 1.66
CA THR A 83 -9.06 12.79 1.74
C THR A 83 -7.57 12.62 2.07
N SER A 84 -6.69 13.48 1.52
CA SER A 84 -5.24 13.37 1.76
C SER A 84 -4.62 14.73 1.50
N PHE A 85 -3.52 14.95 2.16
CA PHE A 85 -2.80 16.26 2.17
C PHE A 85 -1.30 15.97 2.09
N GLY A 86 -0.59 16.95 1.57
CA GLY A 86 0.88 16.98 1.62
C GLY A 86 1.48 17.54 2.91
N MET A 87 0.73 17.56 3.98
CA MET A 87 1.08 18.11 5.30
C MET A 87 0.48 17.18 6.33
N PRO A 88 1.08 17.01 7.53
CA PRO A 88 0.48 16.20 8.57
C PRO A 88 -0.77 16.87 9.15
N THR A 89 -1.61 16.07 9.78
CA THR A 89 -2.92 16.47 10.34
C THR A 89 -3.00 16.13 11.81
N PRO A 90 -3.91 16.80 12.55
CA PRO A 90 -4.14 16.44 13.95
C PRO A 90 -4.52 14.95 14.16
N VAL A 91 -5.27 14.35 13.23
N VAL A 91 -5.26 14.36 13.23
CA VAL A 91 -5.77 12.96 13.48
CA VAL A 91 -5.79 12.98 13.43
C VAL A 91 -4.63 11.97 13.37
C VAL A 91 -4.64 11.97 13.35
N GLU A 92 -3.56 12.25 12.65
CA GLU A 92 -2.41 11.29 12.67
C GLU A 92 -1.85 11.24 14.08
N VAL A 93 -1.75 12.39 14.75
CA VAL A 93 -1.16 12.43 16.12
C VAL A 93 -2.11 11.71 17.09
N GLU A 94 -3.41 12.00 17.01
N GLU A 94 -3.40 12.00 17.00
CA GLU A 94 -4.47 11.37 17.85
CA GLU A 94 -4.45 11.37 17.85
C GLU A 94 -4.45 9.85 17.64
C GLU A 94 -4.43 9.85 17.63
N TYR A 95 -4.35 9.39 16.39
CA TYR A 95 -4.38 7.94 16.15
C TYR A 95 -3.07 7.30 16.62
N ALA A 96 -1.91 7.91 16.38
CA ALA A 96 -0.67 7.35 16.91
C ALA A 96 -0.75 7.26 18.45
N GLU A 97 -1.31 8.26 19.12
CA GLU A 97 -1.49 8.19 20.60
C GLU A 97 -2.38 7.00 20.95
N ALA A 98 -3.49 6.79 20.25
CA ALA A 98 -4.46 5.71 20.53
C ALA A 98 -3.78 4.36 20.31
N LEU A 99 -3.01 4.20 19.20
CA LEU A 99 -2.40 2.90 18.90
C LEU A 99 -1.27 2.63 19.89
N SER A 100 -0.40 3.63 20.12
CA SER A 100 0.73 3.50 21.06
C SER A 100 0.24 2.96 22.43
N ALA A 101 -0.94 3.38 22.85
CA ALA A 101 -1.53 3.08 24.16
C ALA A 101 -1.94 1.60 24.25
N ARG A 102 -1.94 0.84 23.14
CA ARG A 102 -2.42 -0.56 23.19
C ARG A 102 -1.38 -1.54 23.73
N ASN A 103 -0.09 -1.21 23.71
CA ASN A 103 0.97 -2.16 24.12
C ASN A 103 2.19 -1.34 24.56
N GLU A 104 2.87 -1.80 25.61
CA GLU A 104 4.06 -1.13 26.16
C GLU A 104 5.13 -0.99 25.09
N THR A 105 5.24 -1.95 24.17
CA THR A 105 6.34 -1.98 23.18
C THR A 105 6.07 -1.01 22.03
N PHE A 106 4.87 -0.46 21.88
CA PHE A 106 4.50 0.44 20.76
C PHE A 106 4.91 1.86 21.07
N GLU A 107 6.18 2.11 21.37
CA GLU A 107 6.64 3.44 21.82
C GLU A 107 6.53 4.45 20.70
N HIS A 108 6.99 4.08 19.50
CA HIS A 108 6.90 4.93 18.31
C HIS A 108 6.26 4.14 17.16
N VAL A 109 5.42 4.80 16.41
CA VAL A 109 4.63 4.16 15.34
C VAL A 109 4.84 4.94 14.07
N ARG A 110 4.70 4.26 12.94
N ARG A 110 4.78 4.27 12.93
CA ARG A 110 4.81 4.80 11.57
CA ARG A 110 4.68 4.92 11.60
C ARG A 110 3.67 4.17 10.76
C ARG A 110 3.63 4.19 10.79
N PHE A 111 2.92 4.95 9.98
CA PHE A 111 1.78 4.45 9.20
C PHE A 111 2.15 4.29 7.73
N THR A 112 1.66 3.20 7.16
CA THR A 112 1.74 2.87 5.71
C THR A 112 0.31 2.68 5.16
N SER A 113 0.17 2.37 3.85
CA SER A 113 -1.16 2.18 3.26
C SER A 113 -1.59 0.71 3.22
N SER A 114 -0.78 -0.20 3.71
CA SER A 114 -1.12 -1.63 3.73
C SER A 114 -0.19 -2.38 4.68
N GLY A 115 -0.62 -3.57 5.05
CA GLY A 115 0.23 -4.50 5.80
C GLY A 115 1.40 -4.94 4.96
N THR A 116 1.24 -5.03 3.66
CA THR A 116 2.33 -5.47 2.79
C THR A 116 3.46 -4.44 2.84
N GLU A 117 3.14 -3.17 2.79
CA GLU A 117 4.14 -2.09 2.89
C GLU A 117 4.72 -2.07 4.32
N ALA A 118 3.90 -2.26 5.33
CA ALA A 118 4.39 -2.20 6.73
C ALA A 118 5.38 -3.32 6.99
N VAL A 119 5.12 -4.54 6.50
CA VAL A 119 6.10 -5.65 6.65
C VAL A 119 7.39 -5.23 5.95
N MET A 120 7.29 -4.75 4.74
CA MET A 120 8.46 -4.32 3.97
C MET A 120 9.24 -3.27 4.77
N MET A 121 8.58 -2.28 5.35
CA MET A 121 9.33 -1.21 6.02
C MET A 121 9.89 -1.71 7.37
N ALA A 122 9.28 -2.70 8.01
CA ALA A 122 9.80 -3.26 9.28
C ALA A 122 11.10 -4.01 8.91
N VAL A 123 11.12 -4.80 7.83
CA VAL A 123 12.34 -5.54 7.40
C VAL A 123 13.42 -4.52 7.02
N GLN A 124 13.05 -3.48 6.24
CA GLN A 124 14.03 -2.45 5.85
C GLN A 124 14.59 -1.80 7.14
N ALA A 125 13.76 -1.53 8.13
CA ALA A 125 14.17 -0.86 9.37
C ALA A 125 15.19 -1.73 10.08
N ALA A 126 14.93 -3.03 10.20
CA ALA A 126 15.89 -3.94 10.87
C ALA A 126 17.22 -3.98 10.12
N ARG A 127 17.20 -4.06 8.80
CA ARG A 127 18.41 -4.05 7.96
C ARG A 127 19.14 -2.72 8.13
N ALA A 128 18.44 -1.60 8.24
CA ALA A 128 19.11 -0.28 8.41
C ALA A 128 19.70 -0.18 9.81
N TYR A 129 18.99 -0.69 10.83
CA TYR A 129 19.41 -0.59 12.26
C TYR A 129 20.67 -1.46 12.45
N THR A 130 20.67 -2.68 11.94
CA THR A 130 21.78 -3.66 12.17
C THR A 130 22.88 -3.52 11.11
N GLU A 131 22.56 -3.02 9.94
CA GLU A 131 23.39 -3.10 8.71
C GLU A 131 23.78 -4.56 8.45
N ARG A 132 22.90 -5.51 8.69
CA ARG A 132 23.11 -6.93 8.32
C ARG A 132 22.09 -7.34 7.25
N PRO A 133 22.43 -8.30 6.39
CA PRO A 133 21.61 -8.61 5.24
C PRO A 133 20.49 -9.63 5.41
N LYS A 134 20.68 -10.64 6.26
CA LYS A 134 19.73 -11.77 6.25
C LYS A 134 18.52 -11.51 7.13
N ILE A 135 17.40 -12.11 6.75
CA ILE A 135 16.21 -12.21 7.60
C ILE A 135 15.90 -13.68 7.77
N ALA A 136 15.27 -14.01 8.88
CA ALA A 136 14.73 -15.35 9.11
C ALA A 136 13.22 -15.22 9.21
N LYS A 137 12.50 -16.14 8.61
CA LYS A 137 11.03 -16.20 8.72
C LYS A 137 10.60 -17.64 8.94
N ILE A 138 9.35 -17.82 9.29
CA ILE A 138 8.73 -19.16 9.49
C ILE A 138 8.51 -19.85 8.15
N ALA A 139 8.84 -21.13 8.09
CA ALA A 139 8.53 -21.98 6.93
C ALA A 139 7.02 -22.08 6.80
N GLY A 140 6.51 -21.62 5.65
CA GLY A 140 5.10 -21.72 5.29
C GLY A 140 4.32 -20.42 5.52
N ALA A 141 4.79 -19.55 6.40
CA ALA A 141 4.00 -18.37 6.84
C ALA A 141 3.94 -17.34 5.72
N TYR A 142 2.78 -16.68 5.59
CA TYR A 142 2.54 -15.67 4.55
C TYR A 142 2.60 -14.26 5.18
N HIS A 143 3.32 -13.35 4.50
CA HIS A 143 3.50 -11.94 4.93
C HIS A 143 3.25 -10.94 3.82
N GLY A 144 2.54 -11.31 2.77
CA GLY A 144 2.29 -10.40 1.65
C GLY A 144 3.33 -10.58 0.52
N ALA A 145 3.21 -9.75 -0.49
CA ALA A 145 3.93 -9.93 -1.77
C ALA A 145 5.36 -9.36 -1.73
N TYR A 146 5.81 -8.62 -0.72
CA TYR A 146 7.18 -8.05 -0.74
C TYR A 146 8.19 -9.20 -0.97
N ASP A 147 9.12 -9.05 -1.92
N ASP A 147 9.11 -9.02 -1.94
CA ASP A 147 9.90 -10.21 -2.42
CA ASP A 147 10.08 -10.05 -2.41
C ASP A 147 10.77 -10.82 -1.29
C ASP A 147 10.76 -10.80 -1.28
N ALA A 148 11.28 -10.08 -0.28
CA ALA A 148 12.10 -10.69 0.79
C ALA A 148 11.27 -11.66 1.63
N VAL A 149 9.96 -11.46 1.72
CA VAL A 149 9.08 -12.32 2.56
C VAL A 149 8.20 -13.22 1.72
N ALA A 150 8.23 -13.11 0.38
CA ALA A 150 7.42 -13.95 -0.52
C ALA A 150 8.20 -15.25 -0.84
N VAL A 151 8.77 -15.83 0.20
CA VAL A 151 9.71 -17.01 0.20
C VAL A 151 9.09 -18.02 1.17
N ASN A 152 8.91 -19.28 0.74
CA ASN A 152 8.37 -20.34 1.63
C ASN A 152 7.10 -19.81 2.33
N ASN A 153 6.13 -19.36 1.54
CA ASN A 153 5.00 -18.57 2.06
C ASN A 153 3.67 -19.19 1.71
N ASP A 154 3.67 -20.51 1.49
CA ASP A 154 2.59 -21.28 0.85
C ASP A 154 2.12 -22.43 1.74
N GLY A 155 2.42 -22.44 3.05
CA GLY A 155 1.87 -23.47 3.93
C GLY A 155 2.80 -24.67 4.07
N SER A 156 3.84 -24.80 3.24
CA SER A 156 4.79 -25.95 3.37
C SER A 156 5.61 -25.81 4.64
N GLY A 157 5.92 -26.94 5.29
CA GLY A 157 6.88 -26.99 6.40
C GLY A 157 8.33 -27.24 6.00
N ASN A 158 8.63 -27.41 4.71
CA ASN A 158 10.02 -27.64 4.26
C ASN A 158 10.86 -26.37 4.45
N LEU A 159 12.12 -26.52 4.79
CA LEU A 159 13.07 -25.39 4.97
C LEU A 159 13.78 -25.03 3.67
N ILE A 160 13.72 -25.86 2.63
CA ILE A 160 14.40 -25.61 1.33
C ILE A 160 13.81 -24.34 0.73
N SER A 161 14.65 -23.41 0.27
CA SER A 161 14.21 -22.14 -0.35
C SER A 161 13.25 -22.42 -1.50
N HIS A 162 12.08 -21.82 -1.48
CA HIS A 162 11.08 -21.92 -2.57
C HIS A 162 10.40 -20.55 -2.67
N ALA A 163 10.53 -19.90 -3.80
CA ALA A 163 10.05 -18.52 -3.97
C ALA A 163 9.14 -18.43 -5.19
N VAL A 164 8.47 -17.30 -5.33
CA VAL A 164 7.66 -16.96 -6.52
C VAL A 164 8.57 -16.94 -7.76
N THR A 165 8.01 -17.35 -8.90
CA THR A 165 8.67 -17.32 -10.21
C THR A 165 9.25 -15.91 -10.44
N GLY A 166 10.53 -15.85 -10.70
CA GLY A 166 11.24 -14.58 -11.01
C GLY A 166 11.93 -13.96 -9.81
N ASN A 167 11.59 -14.32 -8.58
CA ASN A 167 12.28 -13.77 -7.40
C ASN A 167 13.75 -14.18 -7.48
N PRO A 168 14.69 -13.22 -7.64
CA PRO A 168 16.06 -13.59 -7.92
C PRO A 168 16.75 -14.26 -6.74
N GLU A 169 17.79 -15.05 -7.00
CA GLU A 169 18.69 -15.61 -5.96
C GLU A 169 19.22 -14.51 -5.04
N GLY A 170 19.54 -13.33 -5.57
CA GLY A 170 20.00 -12.17 -4.79
C GLY A 170 19.08 -11.84 -3.61
N VAL A 171 17.77 -12.00 -3.81
CA VAL A 171 16.77 -11.83 -2.72
C VAL A 171 16.65 -13.13 -1.93
N VAL A 172 16.42 -14.23 -2.61
CA VAL A 172 16.01 -15.49 -1.95
C VAL A 172 17.14 -15.99 -1.01
N ALA A 173 18.40 -15.80 -1.40
CA ALA A 173 19.56 -16.25 -0.60
C ALA A 173 19.61 -15.53 0.76
N ASN A 174 19.05 -14.31 0.87
CA ASN A 174 19.11 -13.55 2.14
C ASN A 174 17.88 -13.78 3.04
N THR A 175 17.02 -14.70 2.72
CA THR A 175 15.86 -15.04 3.57
C THR A 175 16.01 -16.51 3.98
N VAL A 176 16.25 -16.76 5.25
CA VAL A 176 16.41 -18.15 5.73
C VAL A 176 15.12 -18.53 6.44
N VAL A 177 14.82 -19.81 6.51
N VAL A 177 14.89 -19.81 6.60
CA VAL A 177 13.51 -20.21 7.11
CA VAL A 177 13.56 -20.35 7.01
C VAL A 177 13.74 -21.15 8.29
C VAL A 177 13.74 -21.17 8.28
N ILE A 178 12.86 -20.99 9.27
CA ILE A 178 12.90 -21.76 10.53
C ILE A 178 11.58 -22.52 10.68
N PRO A 179 11.64 -23.71 11.34
CA PRO A 179 10.43 -24.48 11.58
C PRO A 179 9.63 -23.90 12.75
N PHE A 180 8.33 -23.70 12.54
CA PHE A 180 7.43 -23.14 13.56
C PHE A 180 7.38 -24.06 14.79
N ASN A 181 7.52 -23.49 15.98
CA ASN A 181 7.31 -24.16 17.28
C ASN A 181 8.36 -25.26 17.51
N ASP A 182 9.46 -25.25 16.78
CA ASP A 182 10.59 -26.21 17.00
C ASP A 182 11.80 -25.43 17.48
N PRO A 183 11.99 -25.27 18.82
CA PRO A 183 13.03 -24.39 19.36
C PRO A 183 14.43 -24.83 18.92
N GLU A 184 14.73 -26.11 19.04
CA GLU A 184 16.08 -26.61 18.74
C GLU A 184 16.30 -26.53 17.22
N GLY A 185 15.31 -26.92 16.41
CA GLY A 185 15.39 -26.83 14.93
C GLY A 185 15.57 -25.36 14.50
N SER A 186 14.91 -24.45 15.19
CA SER A 186 14.99 -23.00 14.88
C SER A 186 16.40 -22.50 15.24
N LEU A 187 16.86 -22.77 16.45
CA LEU A 187 18.17 -22.26 16.91
C LEU A 187 19.30 -22.81 16.03
N GLU A 188 19.21 -24.05 15.54
CA GLU A 188 20.23 -24.59 14.60
C GLU A 188 20.40 -23.62 13.42
N VAL A 189 19.29 -23.23 12.78
CA VAL A 189 19.33 -22.31 11.61
C VAL A 189 19.84 -20.93 12.07
N LEU A 190 19.29 -20.40 13.15
CA LEU A 190 19.57 -18.99 13.54
C LEU A 190 21.05 -18.87 13.94
N ARG A 191 21.60 -19.89 14.62
CA ARG A 191 23.01 -19.83 15.08
C ARG A 191 23.95 -19.86 13.87
N ARG A 192 23.61 -20.61 12.82
CA ARG A 192 24.40 -20.71 11.58
C ARG A 192 24.50 -19.32 10.95
N HIS A 193 23.49 -18.46 11.10
CA HIS A 193 23.43 -17.17 10.38
C HIS A 193 23.54 -15.97 11.32
N ALA A 194 23.87 -16.16 12.59
CA ALA A 194 23.71 -15.13 13.64
C ALA A 194 24.45 -13.84 13.29
N ASP A 195 25.65 -13.93 12.70
CA ASP A 195 26.51 -12.75 12.44
C ASP A 195 25.87 -11.88 11.35
N ASP A 196 25.02 -12.47 10.54
CA ASP A 196 24.47 -11.82 9.32
C ASP A 196 22.97 -11.56 9.45
N LEU A 197 22.34 -11.83 10.59
CA LEU A 197 20.86 -11.78 10.72
C LEU A 197 20.45 -10.39 11.22
N ALA A 198 19.74 -9.67 10.38
CA ALA A 198 19.13 -8.36 10.72
C ALA A 198 17.92 -8.59 11.63
N CYS A 199 17.15 -9.66 11.38
CA CYS A 199 15.86 -9.84 12.08
C CYS A 199 15.41 -11.27 12.01
N VAL A 200 14.53 -11.57 12.93
CA VAL A 200 13.71 -12.79 12.96
C VAL A 200 12.26 -12.30 12.87
N LEU A 201 11.66 -12.56 11.74
CA LEU A 201 10.26 -12.17 11.43
C LEU A 201 9.34 -13.34 11.73
N ILE A 202 8.47 -13.18 12.69
CA ILE A 202 7.47 -14.24 13.01
C ILE A 202 6.07 -13.67 12.83
N ASP A 203 5.11 -14.55 12.82
CA ASP A 203 3.69 -14.27 13.07
C ASP A 203 3.39 -15.16 14.24
N PRO A 204 2.93 -14.64 15.39
CA PRO A 204 2.67 -15.50 16.54
C PRO A 204 1.50 -16.47 16.35
N VAL A 205 0.60 -16.23 15.38
CA VAL A 205 -0.55 -17.15 15.10
C VAL A 205 -0.77 -17.24 13.58
N PRO A 206 0.20 -17.85 12.85
CA PRO A 206 0.17 -17.82 11.38
C PRO A 206 -0.95 -18.70 10.85
N TRP A 207 -1.86 -18.12 10.08
CA TRP A 207 -3.02 -18.91 9.62
C TRP A 207 -2.62 -19.90 8.51
N ARG A 208 -1.63 -19.61 7.68
CA ARG A 208 -1.38 -20.42 6.46
C ARG A 208 -0.88 -21.79 6.88
N ILE A 209 -0.27 -21.93 8.07
CA ILE A 209 0.25 -23.25 8.54
C ILE A 209 -0.63 -23.83 9.64
N GLY A 210 -1.83 -23.29 9.83
CA GLY A 210 -2.92 -23.95 10.57
C GLY A 210 -3.49 -23.15 11.71
N LEU A 211 -3.04 -21.91 11.94
CA LEU A 211 -3.67 -21.03 12.97
C LEU A 211 -3.52 -21.61 14.38
N LEU A 212 -2.36 -22.21 14.62
CA LEU A 212 -1.88 -22.61 15.95
C LEU A 212 -0.94 -21.53 16.46
N PRO A 213 -1.05 -21.21 17.76
CA PRO A 213 -0.19 -20.20 18.36
C PRO A 213 1.23 -20.67 18.61
N ALA A 214 2.13 -19.73 18.57
CA ALA A 214 3.54 -19.89 18.93
C ALA A 214 3.59 -20.34 20.39
N SER A 215 4.41 -21.36 20.68
CA SER A 215 4.58 -21.83 22.09
C SER A 215 5.44 -20.86 22.89
N LYS A 216 5.24 -20.86 24.20
CA LYS A 216 6.13 -20.15 25.15
C LYS A 216 7.59 -20.58 24.91
N GLU A 217 7.87 -21.87 24.77
CA GLU A 217 9.27 -22.32 24.70
C GLU A 217 9.90 -21.79 23.40
N TRP A 218 9.16 -21.79 22.29
CA TRP A 218 9.69 -21.30 21.01
C TRP A 218 9.87 -19.77 21.05
N LEU A 219 8.89 -19.01 21.57
CA LEU A 219 9.04 -17.54 21.70
C LEU A 219 10.21 -17.21 22.63
N ASP A 220 10.34 -17.91 23.76
CA ASP A 220 11.51 -17.71 24.67
C ASP A 220 12.85 -17.98 23.94
N ALA A 221 12.98 -19.05 23.17
CA ALA A 221 14.20 -19.36 22.40
C ALA A 221 14.53 -18.21 21.43
N LEU A 222 13.54 -17.70 20.71
CA LEU A 222 13.79 -16.62 19.73
C LEU A 222 14.09 -15.32 20.46
N ARG A 223 13.36 -15.00 21.53
CA ARG A 223 13.63 -13.75 22.28
C ARG A 223 15.08 -13.77 22.84
N GLU A 224 15.51 -14.89 23.40
CA GLU A 224 16.90 -15.03 23.94
C GLU A 224 17.92 -14.95 22.79
N PHE A 225 17.64 -15.59 21.65
CA PHE A 225 18.55 -15.54 20.49
C PHE A 225 18.71 -14.10 20.00
N CYS A 226 17.60 -13.37 19.87
CA CYS A 226 17.62 -11.96 19.43
C CYS A 226 18.40 -11.11 20.42
N ASP A 227 18.17 -11.28 21.73
CA ASP A 227 18.92 -10.51 22.77
C ASP A 227 20.42 -10.76 22.64
N ALA A 228 20.80 -12.00 22.41
CA ALA A 228 22.23 -12.42 22.34
C ALA A 228 22.86 -12.00 21.01
N SER A 229 22.16 -12.08 19.87
CA SER A 229 22.75 -11.90 18.51
C SER A 229 22.67 -10.45 18.05
N GLY A 230 21.75 -9.69 18.63
CA GLY A 230 21.46 -8.32 18.17
C GLY A 230 20.44 -8.30 17.02
N ALA A 231 19.94 -9.44 16.57
CA ALA A 231 18.88 -9.52 15.51
C ALA A 231 17.63 -8.88 16.10
N VAL A 232 16.84 -8.21 15.27
CA VAL A 232 15.61 -7.55 15.71
C VAL A 232 14.48 -8.58 15.67
N LEU A 233 13.70 -8.68 16.74
CA LEU A 233 12.55 -9.61 16.75
C LEU A 233 11.33 -8.83 16.25
N ILE A 234 10.85 -9.21 15.08
CA ILE A 234 9.68 -8.54 14.45
C ILE A 234 8.51 -9.49 14.54
N SER A 235 7.40 -9.00 15.08
CA SER A 235 6.14 -9.77 15.17
C SER A 235 5.15 -9.20 14.15
N ASP A 236 4.87 -9.94 13.09
CA ASP A 236 3.86 -9.55 12.07
C ASP A 236 2.49 -9.95 12.58
N GLU A 237 1.77 -8.97 13.12
CA GLU A 237 0.42 -9.16 13.68
C GLU A 237 -0.60 -8.49 12.77
N VAL A 238 -0.35 -8.35 11.49
CA VAL A 238 -1.36 -7.79 10.57
C VAL A 238 -2.65 -8.59 10.68
N GLY A 239 -2.59 -9.92 10.70
CA GLY A 239 -3.78 -10.74 10.93
C GLY A 239 -4.01 -11.13 12.39
N SER A 240 -2.96 -11.42 13.13
CA SER A 240 -3.11 -12.11 14.43
C SER A 240 -3.27 -11.10 15.55
N TYR A 241 -3.03 -9.80 15.36
CA TYR A 241 -3.17 -8.81 16.45
C TYR A 241 -4.46 -9.05 17.23
N ARG A 242 -5.57 -9.24 16.53
CA ARG A 242 -6.90 -9.25 17.15
C ARG A 242 -7.08 -10.35 18.21
N VAL A 243 -6.19 -11.34 18.31
CA VAL A 243 -6.42 -12.44 19.26
C VAL A 243 -6.30 -11.92 20.70
N GLY A 244 -5.57 -10.83 20.92
CA GLY A 244 -5.44 -10.27 22.27
C GLY A 244 -5.74 -8.82 22.28
N TYR A 245 -6.18 -8.34 23.43
N TYR A 245 -6.21 -8.29 23.41
CA TYR A 245 -6.49 -6.91 23.62
CA TYR A 245 -6.52 -6.84 23.52
C TYR A 245 -5.24 -6.03 23.43
C TYR A 245 -5.24 -6.00 23.41
N HIS A 246 -4.08 -6.57 23.74
CA HIS A 246 -2.79 -5.86 23.60
C HIS A 246 -1.95 -6.51 22.48
N GLY A 247 -2.64 -7.21 21.60
CA GLY A 247 -1.99 -7.92 20.46
C GLY A 247 -1.60 -9.35 20.80
N ALA A 248 -1.00 -10.05 19.85
CA ALA A 248 -0.74 -11.50 19.93
C ALA A 248 0.46 -11.80 20.84
N MET A 249 1.60 -11.13 20.67
CA MET A 249 2.78 -11.42 21.51
C MET A 249 2.38 -11.25 23.00
N GLN A 250 1.69 -10.19 23.35
CA GLN A 250 1.33 -9.92 24.77
C GLN A 250 0.42 -11.04 25.29
N LEU A 251 -0.55 -11.46 24.53
CA LEU A 251 -1.42 -12.59 24.92
C LEU A 251 -0.57 -13.82 25.24
N LEU A 252 0.45 -14.12 24.45
CA LEU A 252 1.29 -15.34 24.60
C LEU A 252 2.43 -15.14 25.59
N GLY A 253 2.53 -13.96 26.19
CA GLY A 253 3.49 -13.67 27.28
C GLY A 253 4.82 -13.16 26.77
N ALA A 254 4.90 -12.67 25.51
CA ALA A 254 6.17 -12.26 24.91
C ALA A 254 6.14 -10.80 24.47
N GLU A 255 7.33 -10.31 24.11
CA GLU A 255 7.59 -8.93 23.66
C GLU A 255 8.40 -8.96 22.35
N ALA A 256 7.91 -8.25 21.34
CA ALA A 256 8.68 -8.03 20.09
C ALA A 256 9.46 -6.74 20.24
N ASP A 257 10.46 -6.54 19.42
CA ASP A 257 11.17 -5.25 19.27
C ASP A 257 10.33 -4.30 18.39
N ILE A 258 9.79 -4.83 17.29
CA ILE A 258 8.92 -4.11 16.32
C ILE A 258 7.72 -5.03 16.08
N THR A 259 6.54 -4.45 15.96
CA THR A 259 5.29 -5.17 15.64
C THR A 259 4.72 -4.54 14.36
N VAL A 260 4.33 -5.38 13.44
CA VAL A 260 3.65 -4.95 12.21
C VAL A 260 2.16 -5.14 12.43
N MET A 261 1.38 -4.11 12.09
CA MET A 261 -0.07 -4.18 12.26
C MET A 261 -0.78 -3.70 11.00
N GLY A 262 -2.05 -4.03 10.92
CA GLY A 262 -2.94 -3.59 9.86
C GLY A 262 -4.34 -4.10 10.12
N LYS A 263 -5.10 -4.27 9.05
CA LYS A 263 -6.43 -4.92 9.10
C LYS A 263 -7.29 -4.33 10.21
N VAL A 264 -7.47 -4.96 11.37
CA VAL A 264 -8.45 -4.50 12.38
C VAL A 264 -8.12 -3.12 12.94
N ILE A 265 -6.87 -2.68 12.90
CA ILE A 265 -6.53 -1.39 13.53
C ILE A 265 -7.30 -0.27 12.84
N ALA A 266 -7.70 -0.38 11.57
CA ALA A 266 -8.63 0.60 10.95
C ALA A 266 -9.96 -0.03 10.53
N ALA A 267 -10.06 -1.34 10.50
CA ALA A 267 -11.33 -2.07 10.34
C ALA A 267 -12.02 -1.73 9.03
N GLY A 268 -11.25 -1.53 7.97
CA GLY A 268 -11.79 -1.51 6.60
C GLY A 268 -11.09 -0.57 5.65
N MET A 269 -10.51 0.56 6.10
CA MET A 269 -9.83 1.52 5.20
C MET A 269 -8.35 1.18 5.12
N PRO A 270 -7.69 1.54 3.99
CA PRO A 270 -6.32 1.10 3.77
C PRO A 270 -5.35 1.59 4.85
N ILE A 271 -4.62 0.66 5.43
N ILE A 271 -4.63 0.66 5.44
CA ILE A 271 -3.73 0.94 6.60
CA ILE A 271 -3.68 1.01 6.53
C ILE A 271 -2.67 -0.14 6.72
C ILE A 271 -2.68 -0.12 6.73
N GLY A 272 -1.52 0.29 7.23
CA GLY A 272 -0.55 -0.58 7.91
C GLY A 272 0.14 0.22 8.99
N ALA A 273 0.87 -0.44 9.87
CA ALA A 273 1.63 0.27 10.91
C ALA A 273 2.86 -0.55 11.32
N VAL A 274 3.93 0.17 11.55
CA VAL A 274 5.14 -0.37 12.18
C VAL A 274 5.25 0.28 13.57
N ALA A 275 5.26 -0.50 14.63
CA ALA A 275 5.32 0.05 16.00
C ALA A 275 6.41 -0.67 16.78
N GLY A 276 7.24 0.09 17.50
CA GLY A 276 8.23 -0.60 18.33
C GLY A 276 8.99 0.33 19.23
N ARG A 277 10.05 -0.21 19.84
CA ARG A 277 10.84 0.58 20.80
C ARG A 277 11.49 1.71 20.02
N ARG A 278 11.68 2.85 20.68
N ARG A 278 11.69 2.84 20.68
N ARG A 278 11.68 2.85 20.68
CA ARG A 278 12.24 4.06 20.05
CA ARG A 278 12.25 4.07 20.06
CA ARG A 278 12.24 4.08 20.06
C ARG A 278 13.54 3.75 19.29
C ARG A 278 13.54 3.76 19.31
C ARG A 278 13.53 3.75 19.31
N ARG A 279 14.45 2.97 19.89
CA ARG A 279 15.79 2.76 19.27
C ARG A 279 15.65 2.10 17.89
N PHE A 280 14.75 1.13 17.72
CA PHE A 280 14.61 0.41 16.42
C PHE A 280 13.89 1.34 15.41
N MET A 281 12.97 2.16 15.88
CA MET A 281 12.19 3.08 15.03
C MET A 281 13.03 4.33 14.69
N SER A 282 14.16 4.57 15.39
CA SER A 282 14.98 5.81 15.15
C SER A 282 15.56 5.85 13.73
N VAL A 283 15.68 4.73 13.03
CA VAL A 283 16.16 4.73 11.61
C VAL A 283 15.26 5.61 10.73
N PHE A 284 14.02 5.84 11.14
CA PHE A 284 13.05 6.66 10.36
C PHE A 284 13.12 8.14 10.73
N ASP A 285 13.72 8.48 11.88
CA ASP A 285 13.59 9.86 12.40
C ASP A 285 14.34 10.84 11.50
N PRO A 286 13.64 11.84 10.90
CA PRO A 286 14.26 12.82 10.03
C PRO A 286 14.63 14.15 10.67
N SER A 287 14.54 14.22 12.02
CA SER A 287 14.52 15.49 12.78
C SER A 287 15.95 15.90 13.15
N LYS A 288 16.92 15.01 12.98
CA LYS A 288 18.33 15.24 13.43
C LYS A 288 19.26 14.96 12.25
N GLY A 289 18.97 15.54 11.10
CA GLY A 289 19.69 15.20 9.84
C GLY A 289 18.93 14.19 8.99
N LYS A 290 19.47 13.83 7.83
CA LYS A 290 18.80 12.86 6.93
C LYS A 290 18.56 11.58 7.71
N PRO A 291 17.38 10.94 7.55
CA PRO A 291 17.17 9.67 8.22
C PRO A 291 17.95 8.52 7.62
N ALA A 292 18.31 7.53 8.43
CA ALA A 292 18.94 6.29 7.90
C ALA A 292 17.99 5.66 6.88
N LEU A 293 16.69 5.68 7.14
CA LEU A 293 15.71 5.01 6.27
C LEU A 293 14.58 6.00 5.91
N PRO A 294 14.67 6.62 4.72
CA PRO A 294 13.60 7.46 4.19
C PRO A 294 12.38 6.56 3.99
N HIS A 295 11.21 7.13 4.27
CA HIS A 295 9.95 6.37 4.18
C HIS A 295 8.82 7.37 3.92
N SER A 296 8.46 7.48 2.66
CA SER A 296 7.37 8.37 2.24
C SER A 296 6.19 7.51 1.80
N GLY A 297 5.29 8.10 1.02
CA GLY A 297 4.05 7.43 0.62
C GLY A 297 2.89 8.41 0.60
N SER A 298 2.23 8.55 -0.55
CA SER A 298 1.20 9.58 -0.77
C SER A 298 0.07 9.47 0.25
N TYR A 299 -0.25 8.26 0.70
CA TYR A 299 -1.43 8.06 1.57
C TYR A 299 -1.00 7.77 3.01
N ASN A 300 0.27 7.83 3.34
CA ASN A 300 0.72 7.58 4.73
C ASN A 300 0.00 8.52 5.65
N ALA A 301 -0.68 7.96 6.67
CA ALA A 301 -1.30 8.77 7.76
C ALA A 301 -2.42 9.65 7.17
N ASN A 302 -2.98 9.29 6.02
CA ASN A 302 -4.06 10.11 5.44
C ASN A 302 -5.20 10.19 6.49
N PRO A 303 -5.92 11.33 6.57
CA PRO A 303 -6.89 11.52 7.66
C PRO A 303 -8.12 10.63 7.54
N VAL A 304 -8.37 10.06 6.36
CA VAL A 304 -9.55 9.13 6.26
C VAL A 304 -9.18 7.83 6.97
N SER A 305 -8.01 7.28 6.66
CA SER A 305 -7.53 6.03 7.31
C SER A 305 -7.29 6.28 8.80
N MET A 306 -6.77 7.46 9.19
CA MET A 306 -6.56 7.78 10.63
C MET A 306 -7.92 7.82 11.31
N SER A 307 -8.94 8.43 10.67
CA SER A 307 -10.28 8.61 11.29
C SER A 307 -10.91 7.22 11.45
N SER A 308 -10.73 6.34 10.48
CA SER A 308 -11.24 4.95 10.52
C SER A 308 -10.56 4.27 11.71
N GLY A 309 -9.26 4.48 11.86
CA GLY A 309 -8.50 3.91 12.95
C GLY A 309 -8.94 4.38 14.32
N ILE A 310 -9.13 5.70 14.47
CA ILE A 310 -9.61 6.21 15.79
C ILE A 310 -10.96 5.56 16.14
N ALA A 311 -11.87 5.50 15.19
CA ALA A 311 -13.21 4.92 15.41
C ALA A 311 -13.06 3.42 15.71
N SER A 312 -12.22 2.71 14.97
CA SER A 312 -12.08 1.25 15.19
C SER A 312 -11.59 0.98 16.60
N LEU A 313 -10.52 1.63 17.02
CA LEU A 313 -9.93 1.37 18.36
C LEU A 313 -10.95 1.78 19.42
N ARG A 314 -11.69 2.87 19.21
CA ARG A 314 -12.75 3.28 20.17
C ARG A 314 -13.79 2.18 20.31
N LEU A 315 -14.19 1.56 19.22
CA LEU A 315 -15.21 0.48 19.24
C LEU A 315 -14.62 -0.81 19.79
N LEU A 316 -13.31 -1.02 19.69
CA LEU A 316 -12.66 -2.29 20.11
C LEU A 316 -12.34 -2.13 21.60
N THR A 317 -13.42 -2.17 22.40
CA THR A 317 -13.32 -2.10 23.85
C THR A 317 -12.93 -3.46 24.40
N PRO A 318 -12.52 -3.50 25.69
CA PRO A 318 -12.25 -4.79 26.29
C PRO A 318 -13.52 -5.65 26.31
N GLN A 319 -14.68 -5.04 26.49
N GLN A 319 -14.67 -5.03 26.49
CA GLN A 319 -15.96 -5.77 26.52
CA GLN A 319 -15.96 -5.75 26.53
C GLN A 319 -16.28 -6.38 25.15
C GLN A 319 -16.30 -6.36 25.15
N ALA A 320 -16.10 -5.60 24.07
CA ALA A 320 -16.27 -6.11 22.68
C ALA A 320 -15.33 -7.31 22.46
N HIS A 321 -14.05 -7.14 22.81
CA HIS A 321 -13.02 -8.21 22.64
C HIS A 321 -13.45 -9.47 23.37
N GLU A 322 -13.97 -9.32 24.60
CA GLU A 322 -14.40 -10.51 25.37
C GLU A 322 -15.55 -11.21 24.67
N ARG A 323 -16.53 -10.46 24.21
CA ARG A 323 -17.79 -11.03 23.73
C ARG A 323 -17.48 -11.75 22.37
N ILE A 324 -16.65 -11.15 21.53
CA ILE A 324 -16.37 -11.84 20.23
C ILE A 324 -15.52 -13.08 20.51
N GLY A 325 -14.71 -13.12 21.58
CA GLY A 325 -13.93 -14.33 21.95
C GLY A 325 -14.92 -15.42 22.39
N GLN A 326 -15.97 -15.06 23.15
CA GLN A 326 -17.04 -16.02 23.52
C GLN A 326 -17.65 -16.64 22.26
N LEU A 327 -18.02 -15.83 21.30
CA LEU A 327 -18.63 -16.27 20.02
C LEU A 327 -17.62 -17.12 19.23
N GLY A 328 -16.34 -16.76 19.22
CA GLY A 328 -15.33 -17.61 18.54
C GLY A 328 -15.29 -18.99 19.16
N GLU A 329 -15.29 -19.06 20.50
CA GLU A 329 -15.25 -20.37 21.21
C GLU A 329 -16.51 -21.16 20.85
N GLN A 330 -17.69 -20.53 20.79
N GLN A 330 -17.68 -20.54 20.79
CA GLN A 330 -18.99 -21.17 20.45
CA GLN A 330 -18.95 -21.21 20.47
C GLN A 330 -18.88 -21.71 19.02
C GLN A 330 -18.89 -21.72 19.02
N ALA A 331 -18.38 -20.89 18.10
CA ALA A 331 -18.27 -21.27 16.67
C ALA A 331 -17.31 -22.47 16.53
N ARG A 332 -16.12 -22.40 17.10
CA ARG A 332 -15.12 -23.50 17.00
C ARG A 332 -15.72 -24.77 17.59
N GLY A 333 -16.38 -24.68 18.75
CA GLY A 333 -16.96 -25.88 19.35
C GLY A 333 -18.04 -26.49 18.49
N SER A 334 -18.92 -25.68 17.86
CA SER A 334 -20.02 -26.14 16.98
C SER A 334 -19.41 -26.81 15.74
N MET A 335 -18.33 -26.25 15.21
CA MET A 335 -17.71 -26.88 14.02
C MET A 335 -17.11 -28.24 14.39
N ARG A 336 -16.45 -28.36 15.54
CA ARG A 336 -15.80 -29.62 15.94
C ARG A 336 -16.92 -30.66 16.14
N THR A 337 -18.02 -30.28 16.79
CA THR A 337 -19.18 -31.21 16.95
C THR A 337 -19.68 -31.67 15.59
N ALA A 338 -19.89 -30.76 14.67
CA ALA A 338 -20.41 -31.07 13.31
C ALA A 338 -19.43 -31.98 12.55
N LEU A 339 -18.12 -31.71 12.62
CA LEU A 339 -17.10 -32.53 11.92
C LEU A 339 -17.10 -33.93 12.52
N GLY A 340 -17.18 -34.06 13.84
CA GLY A 340 -17.18 -35.39 14.47
C GLY A 340 -18.45 -36.14 14.15
N GLU A 341 -19.60 -35.51 14.12
CA GLU A 341 -20.87 -36.21 13.80
C GLU A 341 -20.88 -36.60 12.32
N ALA A 342 -20.16 -35.89 11.49
CA ALA A 342 -20.08 -36.22 10.04
C ALA A 342 -19.02 -37.29 9.80
N GLY A 343 -18.20 -37.63 10.79
CA GLY A 343 -17.14 -38.66 10.67
C GLY A 343 -15.92 -38.17 9.92
N LEU A 344 -15.60 -36.86 9.94
CA LEU A 344 -14.33 -36.37 9.39
C LEU A 344 -13.29 -36.18 10.51
N ASP A 345 -12.03 -36.24 10.15
CA ASP A 345 -10.88 -36.11 11.08
C ASP A 345 -10.35 -34.67 11.02
N TRP A 346 -11.09 -33.78 10.43
CA TRP A 346 -10.62 -32.38 10.23
C TRP A 346 -10.59 -31.65 11.59
N GLU A 347 -9.66 -30.69 11.73
CA GLU A 347 -9.50 -29.96 13.00
C GLU A 347 -9.99 -28.52 12.82
N VAL A 348 -10.28 -27.91 13.95
CA VAL A 348 -10.66 -26.48 13.98
C VAL A 348 -9.74 -25.79 14.95
N ASN A 349 -8.96 -24.84 14.43
CA ASN A 349 -7.97 -24.15 15.25
C ASN A 349 -8.40 -22.69 15.40
N GLY A 350 -7.77 -22.04 16.36
CA GLY A 350 -7.93 -20.57 16.52
C GLY A 350 -8.06 -20.15 17.97
N LEU A 351 -7.88 -18.85 18.17
CA LEU A 351 -7.87 -18.14 19.46
C LEU A 351 -8.84 -16.98 19.29
N GLY A 352 -9.51 -16.61 20.37
CA GLY A 352 -10.37 -15.42 20.36
C GLY A 352 -11.43 -15.51 19.27
N SER A 353 -11.49 -14.51 18.43
CA SER A 353 -12.51 -14.37 17.38
C SER A 353 -12.04 -14.94 16.03
N LEU A 354 -10.90 -15.61 15.98
CA LEU A 354 -10.38 -16.21 14.70
C LEU A 354 -10.62 -17.71 14.71
N PHE A 355 -10.85 -18.28 13.54
CA PHE A 355 -10.83 -19.76 13.43
C PHE A 355 -10.30 -20.18 12.09
N ARG A 356 -9.90 -21.47 12.00
CA ARG A 356 -9.65 -22.05 10.67
C ARG A 356 -10.03 -23.52 10.74
N VAL A 357 -10.88 -23.94 9.80
CA VAL A 357 -11.12 -25.39 9.55
C VAL A 357 -9.88 -25.90 8.82
N VAL A 358 -9.23 -26.92 9.35
CA VAL A 358 -7.99 -27.47 8.74
C VAL A 358 -8.34 -28.88 8.22
N ALA A 359 -8.59 -28.99 6.91
CA ALA A 359 -9.00 -30.27 6.32
C ALA A 359 -7.79 -31.19 6.38
N ASN A 360 -8.00 -32.45 6.78
CA ASN A 360 -6.90 -33.43 7.01
C ASN A 360 -7.06 -34.53 5.94
N SER A 361 -7.91 -35.50 6.19
CA SER A 361 -8.15 -36.59 5.19
C SER A 361 -9.22 -36.14 4.19
N ALA A 362 -8.94 -36.31 2.89
CA ALA A 362 -9.91 -36.12 1.81
C ALA A 362 -10.97 -37.20 1.90
N PRO A 363 -12.26 -36.86 1.95
CA PRO A 363 -13.32 -37.85 1.87
C PRO A 363 -13.49 -38.35 0.43
N ALA A 364 -14.27 -39.43 0.31
CA ALA A 364 -14.50 -40.14 -0.96
C ALA A 364 -14.93 -39.13 -2.03
N GLY A 365 -14.29 -39.19 -3.19
CA GLY A 365 -14.67 -38.41 -4.36
C GLY A 365 -13.91 -37.09 -4.44
N TYR A 366 -12.98 -36.81 -3.54
CA TYR A 366 -12.12 -35.59 -3.63
C TYR A 366 -10.66 -36.01 -3.73
N ASP A 367 -9.94 -35.34 -4.64
CA ASP A 367 -8.51 -35.61 -4.96
C ASP A 367 -7.62 -35.19 -3.79
N SER A 368 -8.08 -34.25 -2.96
CA SER A 368 -7.25 -33.66 -1.90
C SER A 368 -8.18 -33.07 -0.84
N ALA A 369 -7.63 -32.90 0.33
CA ALA A 369 -8.34 -32.24 1.45
C ALA A 369 -8.69 -30.80 1.02
N ALA A 370 -7.77 -30.10 0.34
CA ALA A 370 -8.00 -28.70 -0.11
C ALA A 370 -9.20 -28.66 -1.07
N ALA A 371 -9.37 -29.66 -1.96
CA ALA A 371 -10.53 -29.69 -2.86
C ALA A 371 -11.82 -29.89 -2.05
N ALA A 372 -11.76 -30.71 -0.99
CA ALA A 372 -12.95 -30.99 -0.16
C ALA A 372 -13.32 -29.68 0.59
N MET A 373 -12.30 -28.93 1.00
CA MET A 373 -12.53 -27.65 1.73
C MET A 373 -13.08 -26.62 0.75
N LYS A 374 -12.61 -26.58 -0.50
CA LYS A 374 -13.20 -25.68 -1.53
C LYS A 374 -14.66 -26.03 -1.71
N ALA A 375 -15.01 -27.32 -1.76
CA ALA A 375 -16.41 -27.73 -1.94
C ALA A 375 -17.27 -27.29 -0.75
N LEU A 376 -16.73 -27.39 0.46
CA LEU A 376 -17.44 -26.92 1.68
C LEU A 376 -17.67 -25.41 1.58
N TYR A 377 -16.65 -24.64 1.16
CA TYR A 377 -16.80 -23.18 0.92
C TYR A 377 -17.99 -22.90 -0.02
N TRP A 378 -18.10 -23.62 -1.14
CA TRP A 378 -19.20 -23.38 -2.11
C TRP A 378 -20.56 -23.79 -1.51
N LYS A 379 -20.61 -24.90 -0.77
CA LYS A 379 -21.88 -25.35 -0.14
C LYS A 379 -22.32 -24.33 0.93
N LEU A 380 -21.36 -23.81 1.69
CA LEU A 380 -21.69 -22.77 2.70
C LEU A 380 -22.29 -21.57 1.98
N LEU A 381 -21.73 -21.15 0.83
CA LEU A 381 -22.30 -20.02 0.07
C LEU A 381 -23.74 -20.31 -0.31
N GLU A 382 -24.01 -21.52 -0.80
CA GLU A 382 -25.39 -21.94 -1.15
C GLU A 382 -26.28 -21.88 0.10
N ASN A 383 -25.75 -22.17 1.27
CA ASN A 383 -26.52 -22.25 2.53
C ASN A 383 -26.38 -20.91 3.31
N GLY A 384 -25.93 -19.81 2.65
CA GLY A 384 -26.12 -18.44 3.19
C GLY A 384 -24.93 -17.94 4.05
N ILE A 385 -23.73 -18.46 3.82
CA ILE A 385 -22.54 -18.17 4.67
C ILE A 385 -21.31 -17.93 3.77
N HIS A 386 -20.56 -16.87 4.04
CA HIS A 386 -19.20 -16.69 3.46
C HIS A 386 -18.13 -17.10 4.48
N ILE A 387 -17.25 -18.01 4.11
CA ILE A 387 -15.97 -18.26 4.84
C ILE A 387 -14.82 -18.24 3.83
N GLY A 388 -13.59 -18.48 4.26
CA GLY A 388 -12.46 -18.58 3.33
C GLY A 388 -12.45 -19.93 2.64
N ASP A 389 -11.97 -20.00 1.38
CA ASP A 389 -12.00 -21.29 0.63
C ASP A 389 -10.96 -22.28 1.14
N SER A 390 -10.10 -21.93 2.10
CA SER A 390 -9.22 -22.91 2.79
C SER A 390 -9.52 -22.93 4.29
N GLY A 391 -10.74 -22.51 4.66
CA GLY A 391 -11.27 -22.70 6.03
C GLY A 391 -11.11 -21.56 7.00
N LEU A 392 -10.46 -20.46 6.62
CA LEU A 392 -10.38 -19.30 7.55
C LEU A 392 -11.73 -18.65 7.80
N GLY A 393 -11.94 -18.20 9.04
CA GLY A 393 -13.10 -17.37 9.36
C GLY A 393 -12.85 -16.53 10.61
N CYS A 394 -13.80 -15.66 10.86
CA CYS A 394 -13.74 -14.83 12.08
C CYS A 394 -15.11 -14.27 12.43
N ILE A 395 -15.17 -13.80 13.67
CA ILE A 395 -16.37 -13.16 14.25
C ILE A 395 -16.25 -11.63 14.08
N SER A 396 -17.36 -10.99 13.88
CA SER A 396 -17.47 -9.51 13.86
C SER A 396 -18.35 -9.07 15.01
N THR A 397 -18.18 -7.83 15.44
CA THR A 397 -18.94 -7.32 16.62
C THR A 397 -20.45 -7.27 16.38
N PRO A 398 -20.98 -7.06 15.16
CA PRO A 398 -22.41 -7.09 14.98
C PRO A 398 -23.04 -8.48 15.19
N MET A 399 -22.25 -9.53 15.18
CA MET A 399 -22.80 -10.88 15.38
C MET A 399 -23.24 -11.05 16.84
N GLY A 400 -24.27 -11.87 17.04
CA GLY A 400 -24.61 -12.42 18.36
C GLY A 400 -24.65 -13.95 18.30
N GLU A 401 -25.13 -14.55 19.38
CA GLU A 401 -25.19 -16.02 19.51
C GLU A 401 -26.07 -16.59 18.39
N GLU A 402 -27.07 -15.85 17.93
CA GLU A 402 -27.99 -16.30 16.88
C GLU A 402 -27.27 -16.51 15.55
N GLU A 403 -26.37 -15.61 15.16
CA GLU A 403 -25.58 -15.78 13.92
C GLU A 403 -24.76 -17.05 14.02
N ILE A 404 -24.10 -17.32 15.15
CA ILE A 404 -23.21 -18.49 15.32
C ILE A 404 -24.08 -19.75 15.29
N ALA A 405 -25.26 -19.74 15.89
CA ALA A 405 -26.19 -20.90 15.79
C ALA A 405 -26.64 -21.11 14.32
N GLU A 406 -26.92 -20.06 13.58
CA GLU A 406 -27.31 -20.16 12.14
C GLU A 406 -26.13 -20.78 11.38
N TYR A 407 -24.92 -20.30 11.66
CA TYR A 407 -23.70 -20.84 11.01
C TYR A 407 -23.62 -22.35 11.30
N ALA A 408 -23.84 -22.77 12.55
CA ALA A 408 -23.69 -24.20 12.94
C ALA A 408 -24.66 -25.05 12.13
N VAL A 409 -25.88 -24.59 11.94
CA VAL A 409 -26.89 -25.37 11.15
C VAL A 409 -26.43 -25.42 9.68
N ALA A 410 -25.91 -24.31 9.15
CA ALA A 410 -25.45 -24.25 7.74
C ALA A 410 -24.22 -25.14 7.58
N PHE A 411 -23.34 -25.18 8.58
CA PHE A 411 -22.06 -25.89 8.53
C PHE A 411 -22.36 -27.41 8.48
N ALA A 412 -23.24 -27.89 9.36
CA ALA A 412 -23.63 -29.33 9.37
C ALA A 412 -24.30 -29.71 8.05
N LYS A 413 -25.22 -28.89 7.55
N LYS A 413 -25.22 -28.89 7.55
CA LYS A 413 -25.95 -29.18 6.29
CA LYS A 413 -25.95 -29.18 6.29
C LYS A 413 -24.94 -29.25 5.14
C LYS A 413 -24.94 -29.25 5.14
N SER A 414 -24.04 -28.28 5.06
CA SER A 414 -23.03 -28.18 3.99
C SER A 414 -22.13 -29.42 4.01
N LEU A 415 -21.61 -29.83 5.15
CA LEU A 415 -20.76 -31.04 5.26
C LEU A 415 -21.52 -32.21 4.64
N GLY A 416 -22.79 -32.36 4.98
CA GLY A 416 -23.61 -33.49 4.49
C GLY A 416 -23.66 -33.49 2.97
N GLN A 417 -23.84 -32.30 2.37
CA GLN A 417 -23.96 -32.14 0.92
C GLN A 417 -22.62 -32.37 0.24
N VAL A 418 -21.50 -31.90 0.82
CA VAL A 418 -20.14 -32.16 0.30
C VAL A 418 -19.93 -33.67 0.25
N LEU A 419 -20.29 -34.37 1.33
CA LEU A 419 -19.94 -35.82 1.42
C LEU A 419 -20.82 -36.59 0.44
N ALA A 420 -22.10 -36.26 0.36
CA ALA A 420 -23.06 -36.91 -0.56
C ALA A 420 -22.62 -36.70 -2.01
N GLU A 421 -22.11 -35.52 -2.36
CA GLU A 421 -21.68 -35.25 -3.76
C GLU A 421 -20.40 -36.00 -4.10
N GLY A 422 -19.52 -36.22 -3.14
CA GLY A 422 -18.27 -36.95 -3.36
C GLY A 422 -18.55 -38.42 -3.60
N ARG A 423 -19.61 -38.96 -3.00
CA ARG A 423 -19.96 -40.40 -3.08
C ARG A 423 -20.80 -40.70 -4.33
N ALA A 424 -21.56 -39.73 -4.86
CA ALA A 424 -22.34 -39.87 -6.13
C ALA A 424 -21.38 -40.27 -7.26
N ALA B 1 5.61 37.25 11.29
CA ALA B 1 4.14 37.47 11.06
C ALA B 1 3.38 36.14 11.25
N MET B 2 3.92 35.04 10.72
CA MET B 2 3.25 33.72 10.58
C MET B 2 3.10 33.04 11.94
N ILE B 3 1.87 32.68 12.34
CA ILE B 3 1.59 32.06 13.65
C ILE B 3 1.52 30.55 13.45
N THR B 4 2.39 29.81 14.13
CA THR B 4 2.40 28.32 14.03
C THR B 4 2.31 27.65 15.40
N GLU B 5 1.73 28.29 16.43
CA GLU B 5 1.70 27.73 17.81
C GLU B 5 0.94 26.40 17.84
N LYS B 6 -0.16 26.26 17.11
CA LYS B 6 -0.96 25.01 17.18
C LYS B 6 -0.17 23.90 16.45
N SER B 7 0.57 24.25 15.41
CA SER B 7 1.45 23.26 14.72
C SER B 7 2.55 22.81 15.68
N ALA B 8 3.17 23.75 16.39
CA ALA B 8 4.24 23.41 17.36
C ALA B 8 3.72 22.45 18.40
N ALA B 9 2.51 22.67 18.89
CA ALA B 9 1.90 21.88 19.99
C ALA B 9 1.58 20.46 19.49
N LEU B 10 1.10 20.35 18.27
CA LEU B 10 0.90 19.00 17.66
C LEU B 10 2.23 18.31 17.52
N TYR B 11 3.29 19.01 17.07
CA TYR B 11 4.61 18.39 16.91
C TYR B 11 5.13 17.87 18.25
N ALA B 12 4.96 18.64 19.31
CA ALA B 12 5.37 18.23 20.68
C ALA B 12 4.69 16.92 21.11
N ARG B 13 3.44 16.75 20.76
CA ARG B 13 2.71 15.46 21.01
C ARG B 13 3.29 14.41 20.06
N ALA B 14 3.50 14.76 18.80
CA ALA B 14 3.89 13.77 17.77
C ALA B 14 5.24 13.12 18.10
N VAL B 15 6.22 13.89 18.59
CA VAL B 15 7.55 13.32 18.86
C VAL B 15 7.50 12.23 19.94
N GLU B 16 6.45 12.16 20.79
CA GLU B 16 6.35 11.15 21.84
C GLU B 16 5.85 9.81 21.27
N VAL B 17 5.23 9.83 20.06
CA VAL B 17 4.56 8.60 19.56
C VAL B 17 4.94 8.24 18.12
N MET B 18 5.78 9.05 17.47
N MET B 18 5.78 9.05 17.45
CA MET B 18 6.30 8.77 16.11
CA MET B 18 6.27 8.76 16.08
C MET B 18 7.77 9.13 16.08
C MET B 18 7.73 9.19 16.01
N PRO B 19 8.59 8.49 15.22
CA PRO B 19 10.02 8.82 15.16
C PRO B 19 10.23 10.23 14.59
N GLY B 20 10.81 11.09 15.41
CA GLY B 20 10.94 12.52 15.09
C GLY B 20 9.59 13.15 14.80
N GLY B 21 8.48 12.59 15.33
CA GLY B 21 7.15 13.18 15.16
C GLY B 21 6.68 13.05 13.73
N ASN B 22 7.17 12.03 13.03
CA ASN B 22 6.98 11.96 11.56
C ASN B 22 6.45 10.56 11.13
N SER B 23 5.60 10.53 10.11
CA SER B 23 5.14 9.23 9.53
C SER B 23 5.28 9.21 8.02
N ARG B 24 5.96 10.21 7.45
CA ARG B 24 6.13 10.34 5.98
C ARG B 24 7.25 11.34 5.72
N THR B 25 8.39 10.88 5.30
CA THR B 25 9.64 11.70 5.33
C THR B 25 9.40 13.00 4.55
N ALA B 26 8.76 12.90 3.39
CA ALA B 26 8.59 14.00 2.43
C ALA B 26 7.77 15.16 3.03
N VAL B 27 6.98 14.97 4.08
CA VAL B 27 6.18 16.11 4.60
C VAL B 27 6.83 16.74 5.82
N TYR B 28 7.97 16.25 6.27
CA TYR B 28 8.68 16.82 7.43
C TYR B 28 9.43 18.09 6.99
N SER B 29 9.42 19.10 7.84
CA SER B 29 10.29 20.31 7.69
C SER B 29 10.85 20.62 9.07
N SER B 30 12.07 21.18 9.16
CA SER B 30 12.68 21.65 10.42
C SER B 30 12.24 23.08 10.73
N PRO B 31 11.96 23.46 11.98
CA PRO B 31 12.00 22.56 13.13
C PRO B 31 10.75 21.67 13.26
N TYR B 32 9.68 22.05 12.58
CA TYR B 32 8.45 21.21 12.50
C TYR B 32 7.67 21.66 11.29
N PRO B 33 6.85 20.78 10.70
CA PRO B 33 6.05 21.17 9.56
C PRO B 33 4.78 21.89 10.03
N VAL B 34 4.16 22.58 9.08
CA VAL B 34 2.79 23.11 9.26
C VAL B 34 1.80 21.95 9.21
N TYR B 35 0.94 21.85 10.20
CA TYR B 35 -0.15 20.86 10.28
C TYR B 35 -1.40 21.52 9.67
N VAL B 36 -2.25 20.73 9.06
CA VAL B 36 -3.44 21.25 8.36
C VAL B 36 -4.67 20.51 8.84
N ARG B 37 -5.81 21.14 8.77
CA ARG B 37 -7.04 20.50 9.28
C ARG B 37 -8.06 20.27 8.19
N SER B 38 -8.08 21.05 7.13
CA SER B 38 -9.14 20.93 6.12
C SER B 38 -8.70 21.53 4.82
N GLY B 39 -9.34 21.08 3.78
CA GLY B 39 -9.17 21.70 2.45
C GLY B 39 -10.51 21.87 1.81
N SER B 40 -10.63 22.88 0.97
CA SER B 40 -11.84 23.13 0.15
C SER B 40 -11.44 23.73 -1.19
N GLY B 41 -11.66 23.03 -2.28
CA GLY B 41 -11.30 23.50 -3.62
C GLY B 41 -9.81 23.60 -3.76
N ALA B 42 -9.29 24.79 -4.07
CA ALA B 42 -7.83 24.94 -4.24
C ALA B 42 -7.16 25.37 -2.95
N ARG B 43 -7.86 25.46 -1.83
CA ARG B 43 -7.30 26.03 -0.60
C ARG B 43 -7.26 25.06 0.56
N VAL B 44 -6.27 25.23 1.42
CA VAL B 44 -6.00 24.41 2.62
C VAL B 44 -5.98 25.36 3.81
N THR B 45 -6.63 24.97 4.86
CA THR B 45 -6.65 25.71 6.15
C THR B 45 -5.78 24.99 7.15
N ASP B 46 -4.78 25.65 7.69
CA ASP B 46 -3.87 25.05 8.70
C ASP B 46 -4.51 25.07 10.09
N VAL B 47 -3.87 24.42 11.06
CA VAL B 47 -4.43 24.21 12.42
C VAL B 47 -4.49 25.56 13.16
N ASP B 48 -3.72 26.54 12.73
CA ASP B 48 -3.75 27.91 13.30
C ASP B 48 -4.81 28.76 12.58
N GLY B 49 -5.63 28.19 11.70
CA GLY B 49 -6.77 28.88 11.05
C GLY B 49 -6.43 29.64 9.79
N VAL B 50 -5.22 29.52 9.26
CA VAL B 50 -4.72 30.26 8.08
C VAL B 50 -4.99 29.49 6.79
N GLU B 51 -5.73 30.10 5.88
CA GLU B 51 -6.09 29.56 4.55
C GLU B 51 -5.03 29.99 3.55
N ARG B 52 -4.53 29.02 2.77
CA ARG B 52 -3.53 29.22 1.72
C ARG B 52 -4.00 28.54 0.45
N ILE B 53 -3.42 28.92 -0.68
CA ILE B 53 -3.70 28.26 -1.98
C ILE B 53 -2.72 27.11 -2.10
N ASP B 54 -3.22 25.91 -2.36
CA ASP B 54 -2.36 24.71 -2.43
C ASP B 54 -1.91 24.49 -3.89
N PHE B 55 -0.61 24.71 -4.16
CA PHE B 55 -0.01 24.48 -5.49
C PHE B 55 0.88 23.23 -5.44
N LEU B 56 0.67 22.31 -4.51
CA LEU B 56 1.34 20.99 -4.68
C LEU B 56 0.34 19.85 -4.52
N ASN B 57 -0.74 19.99 -3.76
CA ASN B 57 -1.93 19.07 -3.93
C ASN B 57 -1.56 17.63 -3.57
N ASN B 58 -1.04 17.42 -2.36
CA ASN B 58 -0.56 16.11 -1.87
C ASN B 58 0.35 15.49 -2.91
N SER B 59 1.47 16.14 -3.20
CA SER B 59 2.53 15.59 -4.09
C SER B 59 1.96 15.23 -5.45
N THR B 60 1.09 16.11 -5.94
CA THR B 60 0.47 16.07 -7.29
C THR B 60 -0.66 15.01 -7.37
N THR B 61 -1.13 14.50 -6.26
CA THR B 61 -2.26 13.53 -6.23
C THR B 61 -3.58 14.23 -6.56
N LEU B 62 -3.83 15.42 -6.00
CA LEU B 62 -5.21 15.96 -5.94
C LEU B 62 -5.47 16.77 -7.20
N ILE B 63 -5.58 16.08 -8.32
CA ILE B 63 -5.89 16.75 -9.60
C ILE B 63 -7.17 17.58 -9.52
N HIS B 64 -8.14 17.19 -8.71
CA HIS B 64 -9.41 17.94 -8.55
C HIS B 64 -9.39 18.74 -7.27
N GLY B 65 -8.22 19.03 -6.67
CA GLY B 65 -8.19 19.74 -5.40
C GLY B 65 -8.89 19.03 -4.27
N HIS B 66 -9.22 19.80 -3.27
CA HIS B 66 -9.61 19.30 -1.95
C HIS B 66 -11.13 19.14 -1.86
N ALA B 67 -11.59 17.98 -1.44
CA ALA B 67 -13.02 17.78 -1.13
C ALA B 67 -13.88 18.29 -2.28
N HIS B 68 -13.55 17.90 -3.49
CA HIS B 68 -14.40 18.23 -4.66
C HIS B 68 -15.77 17.61 -4.37
N PRO B 69 -16.87 18.39 -4.49
CA PRO B 69 -18.18 17.86 -4.13
C PRO B 69 -18.54 16.52 -4.78
N GLU B 70 -18.20 16.36 -6.06
CA GLU B 70 -18.54 15.11 -6.77
C GLU B 70 -17.66 13.96 -6.28
N MET B 71 -16.42 14.23 -5.92
N MET B 71 -16.43 14.22 -5.90
CA MET B 71 -15.52 13.21 -5.29
CA MET B 71 -15.60 13.14 -5.29
C MET B 71 -16.08 12.82 -3.92
C MET B 71 -16.08 12.80 -3.89
N VAL B 72 -16.44 13.78 -3.09
CA VAL B 72 -16.99 13.57 -1.72
C VAL B 72 -18.25 12.73 -1.82
N GLU B 73 -19.14 13.05 -2.78
CA GLU B 73 -20.38 12.29 -2.89
C GLU B 73 -20.06 10.82 -3.19
N ALA B 74 -19.21 10.58 -4.19
CA ALA B 74 -18.92 9.20 -4.65
C ALA B 74 -18.26 8.45 -3.49
N ILE B 75 -17.26 9.04 -2.91
CA ILE B 75 -16.51 8.35 -1.80
C ILE B 75 -17.42 8.08 -0.60
N ALA B 76 -18.17 9.07 -0.12
CA ALA B 76 -18.91 8.93 1.14
C ALA B 76 -20.08 7.94 0.91
N ALA B 77 -20.67 7.94 -0.29
CA ALA B 77 -21.74 6.99 -0.59
C ALA B 77 -21.18 5.56 -0.61
N ALA B 78 -20.02 5.40 -1.21
CA ALA B 78 -19.35 4.07 -1.27
C ALA B 78 -19.10 3.58 0.15
N VAL B 79 -18.60 4.44 1.00
CA VAL B 79 -18.29 4.10 2.44
C VAL B 79 -19.56 3.52 3.09
N GLY B 80 -20.71 4.14 2.83
CA GLY B 80 -21.97 3.72 3.47
C GLY B 80 -22.39 2.31 3.07
N HIS B 81 -21.97 1.84 1.92
CA HIS B 81 -22.24 0.44 1.45
C HIS B 81 -21.20 -0.57 1.91
N GLY B 82 -20.05 -0.18 2.43
CA GLY B 82 -19.02 -1.12 2.88
C GLY B 82 -17.68 -0.66 2.32
N THR B 83 -16.70 -0.47 3.19
CA THR B 83 -15.37 0.09 2.80
C THR B 83 -14.54 -0.93 2.01
N SER B 84 -14.59 -2.21 2.36
CA SER B 84 -13.79 -3.27 1.71
C SER B 84 -14.48 -4.60 1.98
N PHE B 85 -14.28 -5.51 1.08
CA PHE B 85 -14.90 -6.86 1.06
C PHE B 85 -13.86 -7.89 0.65
N GLY B 86 -14.08 -9.13 1.04
CA GLY B 86 -13.31 -10.28 0.58
C GLY B 86 -13.83 -10.92 -0.71
N MET B 87 -14.55 -10.18 -1.50
CA MET B 87 -15.19 -10.56 -2.78
C MET B 87 -15.07 -9.38 -3.70
N PRO B 88 -14.98 -9.59 -5.04
CA PRO B 88 -14.96 -8.47 -5.96
C PRO B 88 -16.33 -7.76 -6.04
N THR B 89 -16.32 -6.51 -6.53
CA THR B 89 -17.50 -5.64 -6.61
C THR B 89 -17.69 -5.19 -8.04
N PRO B 90 -18.90 -4.71 -8.37
CA PRO B 90 -19.14 -4.13 -9.69
C PRO B 90 -18.24 -2.91 -10.00
N VAL B 91 -17.91 -2.09 -8.99
N VAL B 91 -17.95 -2.11 -9.00
CA VAL B 91 -17.17 -0.83 -9.28
CA VAL B 91 -17.19 -0.85 -9.20
C VAL B 91 -15.73 -1.17 -9.66
C VAL B 91 -15.75 -1.16 -9.64
N GLU B 92 -15.18 -2.31 -9.27
CA GLU B 92 -13.82 -2.64 -9.75
C GLU B 92 -13.85 -2.83 -11.26
N VAL B 93 -14.91 -3.48 -11.75
CA VAL B 93 -15.06 -3.77 -13.21
C VAL B 93 -15.26 -2.45 -13.93
N GLU B 94 -16.14 -1.61 -13.43
CA GLU B 94 -16.47 -0.28 -14.02
C GLU B 94 -15.19 0.59 -14.06
N TYR B 95 -14.41 0.58 -12.97
CA TYR B 95 -13.18 1.42 -12.97
C TYR B 95 -12.14 0.83 -13.89
N ALA B 96 -11.93 -0.49 -13.94
CA ALA B 96 -10.94 -1.10 -14.85
C ALA B 96 -11.36 -0.75 -16.29
N GLU B 97 -12.67 -0.75 -16.60
CA GLU B 97 -13.13 -0.37 -17.95
C GLU B 97 -12.75 1.10 -18.22
N ALA B 98 -12.96 1.99 -17.26
CA ALA B 98 -12.70 3.43 -17.36
C ALA B 98 -11.21 3.65 -17.58
N LEU B 99 -10.34 2.96 -16.82
CA LEU B 99 -8.90 3.23 -16.91
C LEU B 99 -8.37 2.61 -18.21
N SER B 100 -8.78 1.39 -18.52
CA SER B 100 -8.34 0.68 -19.75
C SER B 100 -8.62 1.53 -21.00
N ALA B 101 -9.68 2.31 -20.99
CA ALA B 101 -10.15 3.13 -22.12
C ALA B 101 -9.19 4.32 -22.34
N ARG B 102 -8.29 4.63 -21.41
CA ARG B 102 -7.45 5.86 -21.51
C ARG B 102 -6.25 5.66 -22.44
N ASN B 103 -5.82 4.43 -22.69
CA ASN B 103 -4.64 4.19 -23.56
C ASN B 103 -4.73 2.81 -24.17
N GLU B 104 -4.42 2.69 -25.47
CA GLU B 104 -4.42 1.39 -26.16
C GLU B 104 -3.59 0.32 -25.42
N THR B 105 -2.50 0.69 -24.76
CA THR B 105 -1.61 -0.29 -24.12
C THR B 105 -2.13 -0.76 -22.74
N PHE B 106 -3.16 -0.10 -22.20
CA PHE B 106 -3.76 -0.48 -20.89
C PHE B 106 -4.75 -1.62 -21.05
N GLU B 107 -4.34 -2.73 -21.67
CA GLU B 107 -5.29 -3.82 -22.04
C GLU B 107 -5.86 -4.49 -20.82
N HIS B 108 -5.00 -4.88 -19.91
CA HIS B 108 -5.35 -5.55 -18.64
C HIS B 108 -4.77 -4.75 -17.46
N VAL B 109 -5.59 -4.55 -16.44
CA VAL B 109 -5.14 -3.71 -15.29
C VAL B 109 -5.30 -4.52 -14.02
N ARG B 110 -4.42 -4.27 -13.06
CA ARG B 110 -4.59 -4.75 -11.66
C ARG B 110 -4.43 -3.56 -10.73
N PHE B 111 -5.18 -3.57 -9.65
CA PHE B 111 -5.17 -2.48 -8.65
C PHE B 111 -4.39 -2.90 -7.40
N THR B 112 -3.66 -1.92 -6.88
CA THR B 112 -2.92 -2.03 -5.60
C THR B 112 -3.38 -0.87 -4.68
N SER B 113 -2.82 -0.78 -3.45
CA SER B 113 -3.21 0.33 -2.54
C SER B 113 -2.26 1.51 -2.61
N SER B 114 -1.25 1.46 -3.47
CA SER B 114 -0.28 2.57 -3.60
C SER B 114 0.53 2.42 -4.89
N GLY B 115 1.16 3.50 -5.27
CA GLY B 115 2.13 3.53 -6.36
C GLY B 115 3.35 2.71 -6.01
N THR B 116 3.73 2.70 -4.75
CA THR B 116 4.90 1.94 -4.29
C THR B 116 4.67 0.47 -4.54
N GLU B 117 3.49 -0.03 -4.17
CA GLU B 117 3.13 -1.43 -4.40
C GLU B 117 3.01 -1.71 -5.91
N ALA B 118 2.43 -0.80 -6.66
CA ALA B 118 2.24 -1.00 -8.10
C ALA B 118 3.60 -1.12 -8.79
N VAL B 119 4.55 -0.27 -8.46
CA VAL B 119 5.92 -0.38 -9.01
C VAL B 119 6.48 -1.76 -8.68
N MET B 120 6.40 -2.14 -7.41
CA MET B 120 6.91 -3.44 -6.96
C MET B 120 6.25 -4.54 -7.79
N MET B 121 4.94 -4.52 -7.99
CA MET B 121 4.28 -5.65 -8.68
C MET B 121 4.59 -5.62 -10.20
N ALA B 122 4.85 -4.45 -10.76
CA ALA B 122 5.25 -4.34 -12.21
C ALA B 122 6.65 -4.97 -12.35
N VAL B 123 7.60 -4.70 -11.44
CA VAL B 123 8.97 -5.29 -11.49
C VAL B 123 8.83 -6.80 -11.31
N GLN B 124 8.04 -7.22 -10.32
CA GLN B 124 7.84 -8.69 -10.09
C GLN B 124 7.24 -9.32 -11.35
N ALA B 125 6.32 -8.66 -12.03
CA ALA B 125 5.65 -9.19 -13.24
C ALA B 125 6.69 -9.38 -14.34
N ALA B 126 7.57 -8.40 -14.55
CA ALA B 126 8.62 -8.53 -15.59
C ALA B 126 9.58 -9.66 -15.23
N ARG B 127 9.98 -9.80 -13.97
CA ARG B 127 10.87 -10.88 -13.53
C ARG B 127 10.16 -12.22 -13.70
N ALA B 128 8.84 -12.32 -13.43
CA ALA B 128 8.12 -13.61 -13.57
C ALA B 128 8.00 -13.94 -15.07
N TYR B 129 7.74 -12.95 -15.91
CA TYR B 129 7.47 -13.14 -17.36
C TYR B 129 8.77 -13.59 -18.04
N THR B 130 9.88 -12.91 -17.77
CA THR B 130 11.18 -13.17 -18.44
C THR B 130 11.97 -14.26 -17.72
N GLU B 131 11.75 -14.47 -16.42
CA GLU B 131 12.62 -15.29 -15.53
C GLU B 131 14.05 -14.79 -15.58
N ARG B 132 14.24 -13.49 -15.69
CA ARG B 132 15.60 -12.89 -15.59
C ARG B 132 15.69 -12.02 -14.33
N PRO B 133 16.90 -11.85 -13.77
CA PRO B 133 17.01 -11.16 -12.49
C PRO B 133 17.15 -9.63 -12.50
N LYS B 134 17.78 -9.05 -13.50
CA LYS B 134 18.14 -7.61 -13.38
C LYS B 134 17.03 -6.69 -13.84
N ILE B 135 17.04 -5.49 -13.27
CA ILE B 135 16.22 -4.37 -13.75
C ILE B 135 17.17 -3.22 -14.03
N ALA B 136 16.76 -2.35 -14.92
CA ALA B 136 17.48 -1.10 -15.20
C ALA B 136 16.54 0.03 -14.81
N LYS B 137 17.09 1.06 -14.22
CA LYS B 137 16.33 2.29 -13.91
C LYS B 137 17.20 3.48 -14.23
N ILE B 138 16.55 4.62 -14.24
CA ILE B 138 17.21 5.93 -14.46
C ILE B 138 18.01 6.36 -13.23
N ALA B 139 19.22 6.86 -13.47
CA ALA B 139 20.04 7.48 -12.42
C ALA B 139 19.31 8.71 -11.86
N GLY B 140 19.06 8.68 -10.55
CA GLY B 140 18.44 9.80 -9.83
C GLY B 140 16.93 9.68 -9.63
N ALA B 141 16.23 8.91 -10.48
CA ALA B 141 14.74 8.88 -10.51
C ALA B 141 14.23 8.18 -9.24
N TYR B 142 13.14 8.69 -8.67
CA TYR B 142 12.47 8.10 -7.49
C TYR B 142 11.25 7.30 -7.91
N HIS B 143 11.11 6.10 -7.34
CA HIS B 143 9.99 5.15 -7.58
C HIS B 143 9.38 4.59 -6.29
N GLY B 144 9.59 5.23 -5.16
CA GLY B 144 9.03 4.75 -3.89
C GLY B 144 10.01 3.84 -3.17
N ALA B 145 9.58 3.27 -2.05
CA ALA B 145 10.51 2.63 -1.08
C ALA B 145 10.84 1.18 -1.41
N TYR B 146 10.23 0.54 -2.38
CA TYR B 146 10.53 -0.89 -2.67
C TYR B 146 12.05 -1.04 -2.89
N ASP B 147 12.70 -2.01 -2.24
N ASP B 147 12.67 -2.03 -2.22
CA ASP B 147 14.19 -1.98 -2.15
CA ASP B 147 14.15 -2.25 -2.17
C ASP B 147 14.82 -2.13 -3.57
C ASP B 147 14.78 -2.14 -3.57
N ALA B 148 14.22 -2.84 -4.55
CA ALA B 148 14.85 -3.00 -5.88
C ALA B 148 14.91 -1.65 -6.61
N VAL B 149 14.01 -0.70 -6.31
CA VAL B 149 13.97 0.61 -6.97
C VAL B 149 14.44 1.74 -6.07
N ALA B 150 14.79 1.48 -4.81
CA ALA B 150 15.24 2.50 -3.85
C ALA B 150 16.78 2.62 -3.97
N VAL B 151 17.26 2.69 -5.20
CA VAL B 151 18.71 2.65 -5.62
C VAL B 151 18.88 3.87 -6.52
N ASN B 152 19.89 4.67 -6.28
CA ASN B 152 20.19 5.87 -7.11
C ASN B 152 18.90 6.68 -7.31
N ASN B 153 18.26 7.07 -6.20
CA ASN B 153 16.86 7.53 -6.27
C ASN B 153 16.73 8.90 -5.65
N ASP B 154 17.82 9.69 -5.59
CA ASP B 154 17.74 11.00 -4.90
C ASP B 154 18.40 12.07 -5.75
N GLY B 155 18.15 12.06 -7.07
CA GLY B 155 18.42 13.23 -7.92
C GLY B 155 19.83 13.22 -8.50
N SER B 156 20.70 12.35 -8.03
CA SER B 156 22.10 12.32 -8.58
C SER B 156 22.07 11.78 -10.01
N GLY B 157 22.98 12.26 -10.87
CA GLY B 157 23.22 11.62 -12.18
C GLY B 157 24.29 10.56 -12.21
N ASN B 158 24.93 10.24 -11.09
CA ASN B 158 25.98 9.19 -11.09
C ASN B 158 25.37 7.81 -11.33
N LEU B 159 26.07 6.95 -12.03
CA LEU B 159 25.64 5.54 -12.28
C LEU B 159 26.13 4.61 -11.18
N ILE B 160 27.13 5.01 -10.36
CA ILE B 160 27.69 4.15 -9.27
C ILE B 160 26.53 3.78 -8.33
N SER B 161 26.39 2.50 -7.96
CA SER B 161 25.28 2.06 -7.07
C SER B 161 25.32 2.84 -5.78
N HIS B 162 24.19 3.39 -5.37
CA HIS B 162 24.04 4.08 -4.07
C HIS B 162 22.63 3.77 -3.56
N ALA B 163 22.55 3.06 -2.46
CA ALA B 163 21.27 2.53 -1.95
C ALA B 163 21.04 3.00 -0.52
N VAL B 164 19.83 2.77 0.00
CA VAL B 164 19.53 3.04 1.41
C VAL B 164 20.39 2.16 2.32
N THR B 165 20.76 2.66 3.50
CA THR B 165 21.49 1.92 4.53
C THR B 165 20.75 0.60 4.81
N GLY B 166 21.47 -0.51 4.68
CA GLY B 166 20.94 -1.85 4.95
C GLY B 166 20.39 -2.57 3.73
N ASN B 167 20.13 -1.89 2.60
CA ASN B 167 19.72 -2.58 1.37
C ASN B 167 20.85 -3.53 0.96
N PRO B 168 20.64 -4.85 0.97
CA PRO B 168 21.74 -5.76 0.76
C PRO B 168 22.30 -5.74 -0.65
N GLU B 169 23.56 -6.14 -0.79
CA GLU B 169 24.18 -6.37 -2.13
C GLU B 169 23.35 -7.29 -3.01
N GLY B 170 22.71 -8.32 -2.45
CA GLY B 170 21.86 -9.25 -3.20
C GLY B 170 20.73 -8.55 -3.95
N VAL B 171 20.22 -7.44 -3.41
CA VAL B 171 19.24 -6.55 -4.10
C VAL B 171 19.99 -5.57 -5.01
N VAL B 172 20.93 -4.83 -4.44
CA VAL B 172 21.51 -3.66 -5.15
C VAL B 172 22.22 -4.11 -6.44
N ALA B 173 22.84 -5.29 -6.43
CA ALA B 173 23.62 -5.77 -7.60
C ALA B 173 22.69 -6.11 -8.77
N ASN B 174 21.41 -6.37 -8.54
CA ASN B 174 20.47 -6.68 -9.66
C ASN B 174 19.75 -5.44 -10.19
N THR B 175 20.08 -4.24 -9.72
CA THR B 175 19.48 -2.99 -10.26
C THR B 175 20.62 -2.21 -10.92
N VAL B 176 20.59 -2.12 -12.25
CA VAL B 176 21.62 -1.34 -12.97
C VAL B 176 21.02 0.01 -13.33
N VAL B 177 21.87 1.01 -13.51
N VAL B 177 21.89 0.98 -13.59
CA VAL B 177 21.32 2.38 -13.71
CA VAL B 177 21.51 2.42 -13.62
C VAL B 177 21.84 2.96 -15.02
C VAL B 177 21.89 3.03 -14.97
N ILE B 178 20.97 3.73 -15.68
CA ILE B 178 21.21 4.34 -17.01
C ILE B 178 21.03 5.84 -16.91
N PRO B 179 21.78 6.59 -17.75
CA PRO B 179 21.68 8.05 -17.74
C PRO B 179 20.48 8.55 -18.53
N PHE B 180 19.70 9.42 -17.93
CA PHE B 180 18.46 9.92 -18.58
C PHE B 180 18.81 10.65 -19.87
N ASN B 181 18.07 10.38 -20.94
CA ASN B 181 18.11 11.15 -22.22
C ASN B 181 19.47 10.99 -22.91
N ASP B 182 20.28 10.01 -22.54
CA ASP B 182 21.60 9.75 -23.19
C ASP B 182 21.50 8.38 -23.87
N PRO B 183 21.11 8.33 -25.18
CA PRO B 183 20.82 7.08 -25.85
C PRO B 183 22.04 6.16 -25.90
N GLU B 184 23.20 6.70 -26.30
CA GLU B 184 24.38 5.83 -26.41
C GLU B 184 24.88 5.42 -25.03
N GLY B 185 24.87 6.33 -24.04
CA GLY B 185 25.27 5.99 -22.66
C GLY B 185 24.32 4.94 -22.08
N SER B 186 23.04 5.01 -22.45
CA SER B 186 22.02 4.03 -21.93
C SER B 186 22.26 2.69 -22.59
N LEU B 187 22.41 2.67 -23.92
CA LEU B 187 22.57 1.39 -24.66
C LEU B 187 23.86 0.70 -24.23
N GLU B 188 24.92 1.43 -23.89
CA GLU B 188 26.16 0.78 -23.37
C GLU B 188 25.85 -0.10 -22.16
N VAL B 189 25.11 0.46 -21.18
CA VAL B 189 24.75 -0.29 -19.95
C VAL B 189 23.81 -1.42 -20.33
N LEU B 190 22.75 -1.14 -21.11
CA LEU B 190 21.69 -2.14 -21.37
C LEU B 190 22.28 -3.31 -22.17
N ARG B 191 23.18 -3.03 -23.12
CA ARG B 191 23.80 -4.12 -23.93
C ARG B 191 24.66 -5.03 -23.06
N ARG B 192 25.38 -4.48 -22.09
CA ARG B 192 26.24 -5.26 -21.17
C ARG B 192 25.37 -6.26 -20.39
N HIS B 193 24.12 -5.91 -20.11
CA HIS B 193 23.26 -6.74 -19.22
C HIS B 193 22.12 -7.43 -19.94
N ALA B 194 22.04 -7.35 -21.28
CA ALA B 194 20.84 -7.65 -22.07
C ALA B 194 20.31 -9.06 -21.76
N ASP B 195 21.20 -10.04 -21.57
CA ASP B 195 20.82 -11.47 -21.38
C ASP B 195 20.10 -11.64 -20.04
N ASP B 196 20.36 -10.73 -19.10
CA ASP B 196 19.92 -10.89 -17.69
C ASP B 196 18.87 -9.82 -17.32
N LEU B 197 18.42 -9.00 -18.26
CA LEU B 197 17.53 -7.85 -17.94
C LEU B 197 16.07 -8.30 -18.10
N ALA B 198 15.34 -8.29 -17.00
CA ALA B 198 13.86 -8.51 -16.99
C ALA B 198 13.14 -7.28 -17.52
N CYS B 199 13.61 -6.08 -17.22
CA CYS B 199 12.88 -4.85 -17.56
C CYS B 199 13.79 -3.64 -17.56
N VAL B 200 13.30 -2.64 -18.25
CA VAL B 200 13.84 -1.27 -18.21
C VAL B 200 12.72 -0.41 -17.63
N LEU B 201 12.94 0.07 -16.42
CA LEU B 201 11.96 0.88 -15.69
C LEU B 201 12.32 2.35 -15.90
N ILE B 202 11.43 3.10 -16.52
CA ILE B 202 11.64 4.55 -16.71
C ILE B 202 10.48 5.30 -16.05
N ASP B 203 10.67 6.59 -15.89
CA ASP B 203 9.60 7.57 -15.72
C ASP B 203 9.81 8.52 -16.86
N PRO B 204 8.81 8.76 -17.73
CA PRO B 204 9.03 9.62 -18.88
C PRO B 204 9.21 11.09 -18.51
N VAL B 205 8.84 11.53 -17.29
CA VAL B 205 9.00 12.95 -16.85
C VAL B 205 9.39 12.97 -15.36
N PRO B 206 10.59 12.48 -15.02
CA PRO B 206 10.98 12.29 -13.62
C PRO B 206 11.22 13.62 -12.92
N TRP B 207 10.46 13.90 -11.87
CA TRP B 207 10.62 15.24 -11.23
C TRP B 207 11.95 15.36 -10.44
N ARG B 208 12.48 14.27 -9.90
CA ARG B 208 13.62 14.38 -8.96
C ARG B 208 14.87 14.83 -9.71
N ILE B 209 14.97 14.59 -11.02
CA ILE B 209 16.14 15.02 -11.85
C ILE B 209 15.80 16.20 -12.75
N GLY B 210 14.68 16.87 -12.52
CA GLY B 210 14.42 18.25 -12.94
C GLY B 210 13.15 18.40 -13.75
N LEU B 211 12.33 17.35 -13.89
CA LEU B 211 11.01 17.45 -14.55
C LEU B 211 11.15 17.89 -16.02
N LEU B 212 12.19 17.37 -16.68
CA LEU B 212 12.36 17.40 -18.14
C LEU B 212 11.87 16.08 -18.72
N PRO B 213 11.18 16.14 -19.88
CA PRO B 213 10.65 14.95 -20.51
C PRO B 213 11.73 14.14 -21.22
N ALA B 214 11.49 12.86 -21.28
CA ALA B 214 12.26 11.89 -22.07
C ALA B 214 12.22 12.33 -23.55
N SER B 215 13.36 12.31 -24.23
CA SER B 215 13.40 12.62 -25.69
C SER B 215 12.83 11.48 -26.52
N LYS B 216 12.29 11.84 -27.69
CA LYS B 216 11.88 10.85 -28.71
C LYS B 216 13.03 9.88 -28.97
N GLU B 217 14.23 10.39 -29.14
CA GLU B 217 15.41 9.58 -29.52
C GLU B 217 15.73 8.56 -28.43
N TRP B 218 15.69 9.00 -27.16
CA TRP B 218 15.98 8.09 -26.00
C TRP B 218 14.87 7.05 -25.87
N LEU B 219 13.60 7.44 -25.95
CA LEU B 219 12.45 6.49 -25.86
C LEU B 219 12.51 5.49 -27.03
N ASP B 220 12.77 5.96 -28.25
CA ASP B 220 12.97 5.04 -29.41
C ASP B 220 14.12 4.04 -29.17
N ALA B 221 15.28 4.48 -28.68
CA ALA B 221 16.42 3.59 -28.36
C ALA B 221 16.00 2.52 -27.34
N LEU B 222 15.28 2.89 -26.28
CA LEU B 222 14.83 1.92 -25.25
C LEU B 222 13.78 0.99 -25.83
N ARG B 223 12.80 1.51 -26.59
CA ARG B 223 11.75 0.65 -27.17
C ARG B 223 12.41 -0.39 -28.10
N GLU B 224 13.37 0.03 -28.93
CA GLU B 224 14.09 -0.90 -29.85
C GLU B 224 14.93 -1.91 -29.05
N PHE B 225 15.58 -1.47 -27.98
CA PHE B 225 16.39 -2.37 -27.13
C PHE B 225 15.49 -3.45 -26.49
N CYS B 226 14.36 -3.02 -25.94
CA CYS B 226 13.39 -3.94 -25.30
C CYS B 226 12.86 -4.93 -26.33
N ASP B 227 12.47 -4.48 -27.52
CA ASP B 227 11.98 -5.37 -28.61
C ASP B 227 13.05 -6.40 -28.97
N ALA B 228 14.29 -5.97 -29.07
CA ALA B 228 15.44 -6.84 -29.45
C ALA B 228 15.82 -7.81 -28.33
N SER B 229 15.82 -7.38 -27.06
CA SER B 229 16.39 -8.17 -25.92
C SER B 229 15.30 -9.03 -25.26
N GLY B 230 14.04 -8.66 -25.43
CA GLY B 230 12.93 -9.31 -24.67
C GLY B 230 12.73 -8.70 -23.27
N ALA B 231 13.52 -7.70 -22.90
CA ALA B 231 13.27 -6.95 -21.62
C ALA B 231 11.92 -6.26 -21.73
N VAL B 232 11.20 -6.13 -20.61
CA VAL B 232 9.88 -5.47 -20.58
C VAL B 232 10.10 -3.97 -20.38
N LEU B 233 9.49 -3.12 -21.18
CA LEU B 233 9.60 -1.67 -20.99
C LEU B 233 8.48 -1.24 -20.04
N ILE B 234 8.87 -0.83 -18.83
CA ILE B 234 7.90 -0.34 -17.82
C ILE B 234 7.99 1.18 -17.72
N SER B 235 6.87 1.85 -17.87
CA SER B 235 6.75 3.31 -17.69
C SER B 235 6.07 3.56 -16.34
N ASP B 236 6.81 4.11 -15.39
CA ASP B 236 6.25 4.51 -14.08
C ASP B 236 5.69 5.91 -14.23
N GLU B 237 4.38 5.99 -14.42
CA GLU B 237 3.64 7.24 -14.57
C GLU B 237 2.84 7.57 -13.32
N VAL B 238 3.25 7.10 -12.14
CA VAL B 238 2.52 7.42 -10.90
C VAL B 238 2.40 8.94 -10.75
N GLY B 239 3.48 9.67 -11.02
CA GLY B 239 3.42 11.14 -11.00
C GLY B 239 3.24 11.77 -12.37
N SER B 240 3.82 11.18 -13.41
CA SER B 240 3.88 11.89 -14.72
C SER B 240 2.64 11.61 -15.58
N TYR B 241 1.79 10.64 -15.25
CA TYR B 241 0.64 10.31 -16.12
C TYR B 241 -0.10 11.59 -16.55
N ARG B 242 -0.34 12.51 -15.61
CA ARG B 242 -1.27 13.65 -15.78
C ARG B 242 -0.81 14.59 -16.92
N VAL B 243 0.44 14.46 -17.40
CA VAL B 243 0.93 15.43 -18.43
C VAL B 243 0.16 15.24 -19.74
N GLY B 244 -0.39 14.05 -19.99
CA GLY B 244 -1.11 13.80 -21.22
C GLY B 244 -2.45 13.17 -20.93
N TYR B 245 -3.40 13.38 -21.84
N TYR B 245 -3.44 13.41 -21.78
CA TYR B 245 -4.74 12.81 -21.70
CA TYR B 245 -4.77 12.79 -21.60
C TYR B 245 -4.70 11.27 -21.75
C TYR B 245 -4.70 11.25 -21.73
N HIS B 246 -3.72 10.71 -22.45
CA HIS B 246 -3.53 9.26 -22.59
C HIS B 246 -2.25 8.82 -21.86
N GLY B 247 -1.79 9.66 -20.95
CA GLY B 247 -0.59 9.43 -20.14
C GLY B 247 0.67 10.01 -20.79
N ALA B 248 1.82 9.78 -20.16
CA ALA B 248 3.08 10.46 -20.50
C ALA B 248 3.71 9.82 -21.74
N MET B 249 3.82 8.49 -21.82
CA MET B 249 4.47 7.83 -22.98
C MET B 249 3.73 8.24 -24.27
N GLN B 250 2.41 8.25 -24.24
CA GLN B 250 1.61 8.56 -25.46
C GLN B 250 1.88 10.01 -25.89
N LEU B 251 1.90 10.94 -24.94
CA LEU B 251 2.17 12.36 -25.25
C LEU B 251 3.52 12.46 -25.97
N LEU B 252 4.53 11.72 -25.50
CA LEU B 252 5.92 11.85 -26.02
C LEU B 252 6.16 10.92 -27.21
N GLY B 253 5.15 10.20 -27.68
CA GLY B 253 5.22 9.46 -28.94
C GLY B 253 5.64 8.03 -28.76
N ALA B 254 5.53 7.46 -27.56
CA ALA B 254 6.02 6.08 -27.31
C ALA B 254 4.95 5.19 -26.71
N GLU B 255 5.25 3.91 -26.68
CA GLU B 255 4.40 2.82 -26.13
C GLU B 255 5.19 2.02 -25.11
N ALA B 256 4.65 1.88 -23.90
CA ALA B 256 5.21 0.97 -22.88
C ALA B 256 4.59 -0.42 -23.03
N ASP B 257 5.24 -1.41 -22.47
CA ASP B 257 4.68 -2.77 -22.30
C ASP B 257 3.74 -2.80 -21.07
N ILE B 258 4.19 -2.18 -20.00
CA ILE B 258 3.45 -2.05 -18.69
C ILE B 258 3.57 -0.61 -18.27
N THR B 259 2.50 -0.04 -17.77
CA THR B 259 2.47 1.32 -17.20
C THR B 259 2.06 1.22 -15.74
N VAL B 260 2.81 1.87 -14.89
CA VAL B 260 2.44 2.00 -13.47
C VAL B 260 1.72 3.31 -13.29
N MET B 261 0.60 3.30 -12.56
CA MET B 261 -0.17 4.54 -12.34
C MET B 261 -0.57 4.63 -10.85
N GLY B 262 -0.93 5.82 -10.48
CA GLY B 262 -1.45 6.13 -9.15
C GLY B 262 -1.88 7.57 -9.09
N LYS B 263 -1.84 8.11 -7.87
N LYS B 263 -1.80 8.13 -7.89
CA LYS B 263 -2.08 9.54 -7.60
CA LYS B 263 -2.08 9.54 -7.60
C LYS B 263 -3.34 10.03 -8.30
C LYS B 263 -3.35 9.99 -8.33
N VAL B 264 -3.25 10.74 -9.43
CA VAL B 264 -4.44 11.41 -10.03
C VAL B 264 -5.51 10.40 -10.44
N ILE B 265 -5.19 9.14 -10.68
CA ILE B 265 -6.20 8.19 -11.20
C ILE B 265 -7.29 8.02 -10.16
N ALA B 266 -7.06 8.25 -8.86
CA ALA B 266 -8.18 8.30 -7.89
C ALA B 266 -8.27 9.65 -7.19
N ALA B 267 -7.30 10.55 -7.35
CA ALA B 267 -7.40 11.96 -6.94
C ALA B 267 -7.62 12.09 -5.44
N GLY B 268 -7.04 11.22 -4.65
CA GLY B 268 -6.88 11.43 -3.21
C GLY B 268 -7.10 10.22 -2.33
N MET B 269 -7.69 9.14 -2.79
CA MET B 269 -7.85 7.88 -2.04
C MET B 269 -6.74 6.89 -2.43
N PRO B 270 -6.33 5.99 -1.49
CA PRO B 270 -5.23 5.09 -1.72
C PRO B 270 -5.41 4.19 -2.95
N ILE B 271 -4.47 4.27 -3.85
CA ILE B 271 -4.55 3.57 -5.15
CA ILE B 271 -4.51 3.44 -5.08
C ILE B 271 -3.15 3.37 -5.76
N GLY B 272 -3.03 2.30 -6.52
CA GLY B 272 -2.03 2.16 -7.57
C GLY B 272 -2.59 1.26 -8.63
N ALA B 273 -1.97 1.23 -9.81
CA ALA B 273 -2.43 0.32 -10.86
C ALA B 273 -1.25 -0.10 -11.71
N VAL B 274 -1.32 -1.35 -12.12
CA VAL B 274 -0.38 -1.90 -13.12
C VAL B 274 -1.22 -2.18 -14.38
N ALA B 275 -0.90 -1.55 -15.51
CA ALA B 275 -1.75 -1.64 -16.71
C ALA B 275 -0.85 -1.99 -17.89
N GLY B 276 -1.10 -3.09 -18.57
CA GLY B 276 -0.24 -3.37 -19.73
C GLY B 276 -0.83 -4.33 -20.72
N ARG B 277 -0.03 -4.70 -21.71
CA ARG B 277 -0.49 -5.62 -22.76
CA ARG B 277 -0.50 -5.63 -22.77
C ARG B 277 -0.80 -6.98 -22.12
N ARG B 278 -1.79 -7.68 -22.63
CA ARG B 278 -2.26 -8.97 -22.08
C ARG B 278 -1.13 -9.94 -21.81
N ARG B 279 -0.16 -10.10 -22.73
CA ARG B 279 0.88 -11.15 -22.53
C ARG B 279 1.70 -10.89 -21.27
N PHE B 280 2.06 -9.64 -20.97
CA PHE B 280 2.89 -9.32 -19.78
C PHE B 280 2.04 -9.47 -18.50
N MET B 281 0.77 -9.13 -18.60
CA MET B 281 -0.16 -9.15 -17.44
C MET B 281 -0.62 -10.60 -17.20
N SER B 282 -0.39 -11.53 -18.14
CA SER B 282 -0.84 -12.95 -17.99
C SER B 282 -0.18 -13.64 -16.77
N VAL B 283 0.96 -13.19 -16.30
CA VAL B 283 1.64 -13.79 -15.11
C VAL B 283 0.69 -13.74 -13.89
N PHE B 284 -0.27 -12.82 -13.89
CA PHE B 284 -1.17 -12.65 -12.72
C PHE B 284 -2.43 -13.51 -12.87
N ASP B 285 -2.68 -14.06 -14.06
CA ASP B 285 -4.00 -14.68 -14.34
C ASP B 285 -4.13 -15.95 -13.52
N PRO B 286 -5.13 -16.05 -12.60
CA PRO B 286 -5.35 -17.25 -11.79
C PRO B 286 -6.39 -18.24 -12.36
N SER B 287 -6.89 -17.99 -13.58
CA SER B 287 -8.13 -18.62 -14.11
C SER B 287 -7.78 -19.94 -14.82
N LYS B 288 -6.50 -20.23 -15.05
CA LYS B 288 -6.05 -21.44 -15.79
C LYS B 288 -5.04 -22.21 -14.93
N GLY B 289 -5.38 -22.43 -13.66
CA GLY B 289 -4.47 -22.95 -12.64
C GLY B 289 -3.73 -21.86 -11.87
N LYS B 290 -2.80 -22.25 -11.01
CA LYS B 290 -2.09 -21.31 -10.12
C LYS B 290 -1.43 -20.26 -11.00
N PRO B 291 -1.50 -18.97 -10.63
CA PRO B 291 -0.79 -17.95 -11.41
C PRO B 291 0.71 -18.02 -11.20
N ALA B 292 1.48 -17.59 -12.21
CA ALA B 292 2.94 -17.43 -12.07
C ALA B 292 3.25 -16.47 -10.91
N LEU B 293 2.47 -15.41 -10.81
CA LEU B 293 2.68 -14.34 -9.81
C LEU B 293 1.38 -14.11 -9.03
N PRO B 294 1.28 -14.68 -7.82
CA PRO B 294 0.18 -14.37 -6.90
C PRO B 294 0.32 -12.89 -6.53
N HIS B 295 -0.81 -12.24 -6.38
CA HIS B 295 -0.87 -10.80 -6.05
C HIS B 295 -2.20 -10.55 -5.33
N SER B 296 -2.12 -10.49 -4.00
CA SER B 296 -3.27 -10.21 -3.14
C SER B 296 -3.07 -8.85 -2.51
N GLY B 297 -3.80 -8.58 -1.44
CA GLY B 297 -3.75 -7.27 -0.75
C GLY B 297 -5.14 -6.94 -0.27
N SER B 298 -5.28 -6.67 1.02
CA SER B 298 -6.60 -6.53 1.66
C SER B 298 -7.41 -5.44 1.00
N TYR B 299 -6.79 -4.37 0.52
CA TYR B 299 -7.52 -3.20 -0.01
C TYR B 299 -7.47 -3.11 -1.54
N ASN B 300 -6.93 -4.13 -2.22
CA ASN B 300 -6.88 -4.13 -3.69
C ASN B 300 -8.29 -3.98 -4.23
N ALA B 301 -8.52 -2.97 -5.06
CA ALA B 301 -9.81 -2.80 -5.79
C ALA B 301 -10.93 -2.55 -4.77
N ASN B 302 -10.62 -2.02 -3.57
CA ASN B 302 -11.69 -1.73 -2.59
C ASN B 302 -12.67 -0.75 -3.25
N PRO B 303 -13.97 -0.83 -2.96
CA PRO B 303 -14.96 -0.02 -3.68
C PRO B 303 -14.89 1.48 -3.36
N VAL B 304 -14.24 1.85 -2.28
CA VAL B 304 -14.10 3.30 -1.95
C VAL B 304 -13.08 3.89 -2.92
N SER B 305 -11.94 3.26 -3.07
CA SER B 305 -10.88 3.71 -3.99
C SER B 305 -11.41 3.60 -5.43
N MET B 306 -12.19 2.54 -5.76
CA MET B 306 -12.72 2.39 -7.14
C MET B 306 -13.70 3.52 -7.41
N SER B 307 -14.54 3.87 -6.45
CA SER B 307 -15.56 4.94 -6.61
C SER B 307 -14.84 6.29 -6.77
N SER B 308 -13.75 6.50 -6.03
CA SER B 308 -12.91 7.72 -6.12
C SER B 308 -12.35 7.77 -7.54
N GLY B 309 -11.89 6.63 -8.04
CA GLY B 309 -11.27 6.50 -9.35
C GLY B 309 -12.27 6.82 -10.47
N ILE B 310 -13.45 6.23 -10.40
CA ILE B 310 -14.48 6.50 -11.44
C ILE B 310 -14.78 8.00 -11.45
N ALA B 311 -14.97 8.63 -10.30
CA ALA B 311 -15.31 10.06 -10.22
C ALA B 311 -14.13 10.87 -10.76
N SER B 312 -12.89 10.55 -10.34
CA SER B 312 -11.74 11.32 -10.82
C SER B 312 -11.65 11.27 -12.35
N LEU B 313 -11.67 10.11 -12.94
CA LEU B 313 -11.54 9.98 -14.41
C LEU B 313 -12.73 10.69 -15.08
N ARG B 314 -13.92 10.59 -14.52
CA ARG B 314 -15.09 11.27 -15.14
C ARG B 314 -14.84 12.78 -15.16
N LEU B 315 -14.33 13.33 -14.06
CA LEU B 315 -14.06 14.79 -13.93
C LEU B 315 -12.86 15.21 -14.78
N LEU B 316 -11.94 14.32 -15.12
CA LEU B 316 -10.74 14.63 -15.90
C LEU B 316 -11.11 14.47 -17.38
N THR B 317 -11.89 15.45 -17.85
CA THR B 317 -12.34 15.51 -19.27
C THR B 317 -11.22 16.08 -20.13
N PRO B 318 -11.31 15.98 -21.46
CA PRO B 318 -10.32 16.64 -22.31
C PRO B 318 -10.32 18.14 -22.06
N GLN B 319 -11.48 18.71 -21.83
CA GLN B 319 -11.61 20.18 -21.58
C GLN B 319 -10.87 20.56 -20.26
N ALA B 320 -11.06 19.79 -19.22
CA ALA B 320 -10.39 20.02 -17.90
C ALA B 320 -8.87 19.92 -18.08
N HIS B 321 -8.43 18.90 -18.80
CA HIS B 321 -6.99 18.63 -19.04
C HIS B 321 -6.39 19.84 -19.77
N GLU B 322 -7.11 20.37 -20.75
CA GLU B 322 -6.61 21.52 -21.51
C GLU B 322 -6.54 22.75 -20.64
N ARG B 323 -7.52 22.99 -19.80
CA ARG B 323 -7.60 24.22 -18.99
C ARG B 323 -6.45 24.20 -17.97
N ILE B 324 -6.20 23.07 -17.35
CA ILE B 324 -5.10 23.07 -16.31
C ILE B 324 -3.75 23.18 -17.03
N GLY B 325 -3.61 22.66 -18.26
CA GLY B 325 -2.40 22.83 -19.06
C GLY B 325 -2.16 24.30 -19.35
N GLN B 326 -3.19 25.02 -19.78
CA GLN B 326 -3.08 26.48 -20.04
C GLN B 326 -2.67 27.21 -18.77
N LEU B 327 -3.29 26.93 -17.62
CA LEU B 327 -2.94 27.56 -16.34
C LEU B 327 -1.48 27.20 -15.98
N GLY B 328 -1.05 25.97 -16.25
CA GLY B 328 0.35 25.60 -15.94
C GLY B 328 1.33 26.40 -16.78
N GLU B 329 1.03 26.58 -18.08
CA GLU B 329 1.89 27.38 -18.99
C GLU B 329 1.95 28.82 -18.48
N GLN B 330 0.83 29.38 -18.04
CA GLN B 330 0.78 30.78 -17.51
C GLN B 330 1.62 30.85 -16.23
N ALA B 331 1.46 29.87 -15.34
CA ALA B 331 2.22 29.83 -14.08
C ALA B 331 3.73 29.74 -14.36
N ARG B 332 4.15 28.83 -15.24
CA ARG B 332 5.60 28.63 -15.53
C ARG B 332 6.12 29.95 -16.09
N GLY B 333 5.39 30.56 -17.04
CA GLY B 333 5.85 31.83 -17.65
C GLY B 333 5.99 32.92 -16.63
N SER B 334 5.07 33.06 -15.67
CA SER B 334 5.10 34.09 -14.61
C SER B 334 6.31 33.83 -13.69
N MET B 335 6.60 32.57 -13.39
CA MET B 335 7.78 32.25 -12.53
C MET B 335 9.08 32.63 -13.25
N ARG B 336 9.20 32.34 -14.54
CA ARG B 336 10.45 32.58 -15.30
C ARG B 336 10.63 34.11 -15.34
N THR B 337 9.57 34.88 -15.57
CA THR B 337 9.63 36.38 -15.57
C THR B 337 10.13 36.85 -14.21
N ALA B 338 9.54 36.39 -13.13
CA ALA B 338 9.90 36.80 -11.76
C ALA B 338 11.37 36.44 -11.45
N LEU B 339 11.84 35.24 -11.85
CA LEU B 339 13.22 34.80 -11.56
C LEU B 339 14.20 35.67 -12.37
N GLY B 340 13.86 35.97 -13.61
CA GLY B 340 14.69 36.84 -14.47
C GLY B 340 14.75 38.25 -13.93
N GLU B 341 13.65 38.81 -13.47
CA GLU B 341 13.65 40.18 -12.91
C GLU B 341 14.44 40.22 -11.61
N ALA B 342 14.49 39.13 -10.88
CA ALA B 342 15.20 39.07 -9.59
C ALA B 342 16.70 38.81 -9.83
N GLY B 343 17.10 38.47 -11.06
CA GLY B 343 18.50 38.25 -11.43
C GLY B 343 19.00 36.87 -11.04
N LEU B 344 18.11 35.87 -10.93
CA LEU B 344 18.53 34.47 -10.68
C LEU B 344 18.65 33.71 -12.00
N ASP B 345 19.51 32.69 -12.02
CA ASP B 345 19.75 31.80 -13.18
C ASP B 345 18.89 30.53 -13.03
N TRP B 346 17.92 30.56 -12.13
CA TRP B 346 17.08 29.36 -11.85
C TRP B 346 16.15 29.06 -13.04
N GLU B 347 15.78 27.80 -13.25
CA GLU B 347 14.93 27.43 -14.39
C GLU B 347 13.57 26.99 -13.85
N VAL B 348 12.60 26.98 -14.73
CA VAL B 348 11.26 26.42 -14.44
C VAL B 348 10.96 25.40 -15.51
N ASN B 349 10.78 24.15 -15.12
CA ASN B 349 10.53 23.06 -16.06
C ASN B 349 9.11 22.56 -15.82
N GLY B 350 8.63 21.78 -16.75
CA GLY B 350 7.33 21.10 -16.63
C GLY B 350 6.52 21.10 -17.91
N LEU B 351 5.53 20.21 -17.95
CA LEU B 351 4.59 20.00 -19.06
C LEU B 351 3.20 20.07 -18.43
N GLY B 352 2.22 20.55 -19.19
CA GLY B 352 0.84 20.51 -18.73
C GLY B 352 0.66 21.23 -17.43
N SER B 353 0.07 20.55 -16.47
CA SER B 353 -0.26 21.14 -15.14
C SER B 353 0.85 20.94 -14.10
N LEU B 354 2.01 20.45 -14.49
CA LEU B 354 3.12 20.19 -13.53
C LEU B 354 4.20 21.26 -13.73
N PHE B 355 4.83 21.66 -12.65
CA PHE B 355 6.02 22.51 -12.79
C PHE B 355 7.04 22.16 -11.73
N ARG B 356 8.28 22.58 -11.97
CA ARG B 356 9.30 22.53 -10.90
C ARG B 356 10.24 23.71 -11.09
N VAL B 357 10.38 24.48 -10.02
CA VAL B 357 11.46 25.51 -9.91
C VAL B 357 12.74 24.74 -9.64
N VAL B 358 13.73 24.84 -10.54
CA VAL B 358 15.03 24.13 -10.39
C VAL B 358 16.09 25.19 -10.02
N ALA B 359 16.43 25.26 -8.75
CA ALA B 359 17.39 26.25 -8.25
C ALA B 359 18.77 25.82 -8.78
N ASN B 360 19.53 26.78 -9.30
N ASN B 360 19.52 26.76 -9.34
CA ASN B 360 20.84 26.54 -9.95
CA ASN B 360 20.87 26.49 -9.91
C ASN B 360 21.92 27.16 -9.04
C ASN B 360 21.94 27.16 -9.02
N SER B 361 22.20 28.45 -9.17
CA SER B 361 23.21 29.14 -8.37
C SER B 361 22.60 29.64 -7.05
N ALA B 362 23.25 29.34 -5.93
CA ALA B 362 22.90 29.82 -4.59
C ALA B 362 23.09 31.34 -4.54
N PRO B 363 22.07 32.12 -4.18
CA PRO B 363 22.28 33.56 -3.97
C PRO B 363 22.99 33.81 -2.65
N ALA B 364 23.44 35.07 -2.50
CA ALA B 364 24.25 35.48 -1.33
C ALA B 364 23.52 35.09 -0.04
N GLY B 365 24.24 34.50 0.90
CA GLY B 365 23.73 34.18 2.23
C GLY B 365 23.11 32.81 2.31
N TYR B 366 23.15 31.98 1.26
CA TYR B 366 22.68 30.57 1.30
C TYR B 366 23.83 29.64 0.95
N ASP B 367 23.96 28.55 1.70
CA ASP B 367 25.07 27.56 1.55
C ASP B 367 24.90 26.76 0.26
N SER B 368 23.67 26.67 -0.27
CA SER B 368 23.36 25.79 -1.41
C SER B 368 22.11 26.33 -2.08
N ALA B 369 21.93 25.97 -3.35
CA ALA B 369 20.71 26.34 -4.09
C ALA B 369 19.49 25.68 -3.39
N ALA B 370 19.65 24.46 -2.89
CA ALA B 370 18.56 23.74 -2.19
C ALA B 370 18.16 24.48 -0.91
N ALA B 371 19.10 25.08 -0.17
CA ALA B 371 18.76 25.88 1.02
C ALA B 371 17.95 27.11 0.59
N ALA B 372 18.33 27.73 -0.54
CA ALA B 372 17.65 28.93 -1.06
C ALA B 372 16.21 28.55 -1.44
N MET B 373 16.06 27.39 -2.06
CA MET B 373 14.72 26.90 -2.49
C MET B 373 13.86 26.59 -1.24
N LYS B 374 14.45 26.03 -0.19
CA LYS B 374 13.74 25.78 1.08
C LYS B 374 13.29 27.11 1.66
N ALA B 375 14.13 28.16 1.60
CA ALA B 375 13.76 29.48 2.12
C ALA B 375 12.57 30.05 1.33
N LEU B 376 12.57 29.88 0.03
CA LEU B 376 11.47 30.35 -0.86
C LEU B 376 10.18 29.58 -0.49
N TYR B 377 10.26 28.29 -0.24
CA TYR B 377 9.12 27.46 0.23
C TYR B 377 8.51 28.09 1.49
N TRP B 378 9.33 28.41 2.48
CA TRP B 378 8.85 29.02 3.74
C TRP B 378 8.26 30.42 3.49
N LYS B 379 8.88 31.23 2.61
CA LYS B 379 8.37 32.60 2.32
C LYS B 379 7.02 32.50 1.59
N LEU B 380 6.91 31.54 0.67
CA LEU B 380 5.63 31.31 -0.02
C LEU B 380 4.56 30.95 1.02
N LEU B 381 4.87 30.13 2.01
CA LEU B 381 3.90 29.77 3.09
C LEU B 381 3.45 31.05 3.80
N GLU B 382 4.41 31.91 4.17
CA GLU B 382 4.09 33.20 4.83
C GLU B 382 3.18 34.02 3.92
N ASN B 383 3.35 33.96 2.60
CA ASN B 383 2.59 34.79 1.63
C ASN B 383 1.36 34.04 1.08
N GLY B 384 0.92 32.97 1.74
CA GLY B 384 -0.37 32.32 1.45
C GLY B 384 -0.35 31.23 0.39
N ILE B 385 0.78 30.54 0.19
CA ILE B 385 0.94 29.57 -0.92
C ILE B 385 1.69 28.32 -0.43
N HIS B 386 1.17 27.12 -0.73
CA HIS B 386 1.93 25.87 -0.53
C HIS B 386 2.53 25.40 -1.85
N ILE B 387 3.85 25.21 -1.89
CA ILE B 387 4.53 24.45 -2.99
C ILE B 387 5.45 23.41 -2.33
N GLY B 388 6.19 22.66 -3.14
CA GLY B 388 7.15 21.69 -2.60
C GLY B 388 8.43 22.40 -2.16
N ASP B 389 9.10 21.86 -1.14
CA ASP B 389 10.32 22.50 -0.56
C ASP B 389 11.52 22.37 -1.51
N SER B 390 11.43 21.64 -2.62
CA SER B 390 12.47 21.61 -3.66
C SER B 390 11.92 22.07 -5.01
N GLY B 391 10.81 22.80 -4.99
CA GLY B 391 10.30 23.53 -6.16
C GLY B 391 9.17 22.89 -6.94
N LEU B 392 8.71 21.70 -6.56
CA LEU B 392 7.62 21.04 -7.31
C LEU B 392 6.28 21.73 -7.04
N GLY B 393 5.46 21.82 -8.08
CA GLY B 393 4.09 22.28 -7.95
C GLY B 393 3.20 21.78 -9.05
N CYS B 394 1.91 22.03 -8.88
CA CYS B 394 0.92 21.63 -9.89
C CYS B 394 -0.34 22.47 -9.79
N ILE B 395 -1.10 22.41 -10.87
CA ILE B 395 -2.41 23.07 -10.99
C ILE B 395 -3.49 22.05 -10.66
N SER B 396 -4.58 22.49 -10.08
CA SER B 396 -5.75 21.62 -9.78
C SER B 396 -6.95 22.16 -10.55
N THR B 397 -7.91 21.31 -10.81
CA THR B 397 -9.08 21.70 -11.67
C THR B 397 -9.91 22.79 -11.04
N PRO B 398 -10.00 22.96 -9.69
CA PRO B 398 -10.70 24.10 -9.11
C PRO B 398 -10.06 25.47 -9.38
N MET B 399 -8.79 25.49 -9.77
CA MET B 399 -8.10 26.77 -9.99
C MET B 399 -8.65 27.46 -11.22
N GLY B 400 -8.54 28.79 -11.19
CA GLY B 400 -8.75 29.63 -12.38
C GLY B 400 -7.68 30.70 -12.45
N GLU B 401 -7.91 31.69 -13.30
CA GLU B 401 -6.93 32.77 -13.59
C GLU B 401 -6.61 33.52 -12.30
N GLU B 402 -7.57 33.66 -11.38
CA GLU B 402 -7.41 34.41 -10.12
C GLU B 402 -6.36 33.75 -9.20
N GLU B 403 -6.39 32.42 -9.08
CA GLU B 403 -5.39 31.72 -8.23
C GLU B 403 -4.00 31.90 -8.86
N ILE B 404 -3.86 31.78 -10.19
CA ILE B 404 -2.54 31.84 -10.88
C ILE B 404 -2.01 33.28 -10.75
N ALA B 405 -2.88 34.28 -10.84
CA ALA B 405 -2.45 35.68 -10.64
C ALA B 405 -1.99 35.90 -9.19
N GLU B 406 -2.74 35.37 -8.21
CA GLU B 406 -2.37 35.52 -6.78
C GLU B 406 -0.99 34.84 -6.58
N TYR B 407 -0.79 33.66 -7.17
CA TYR B 407 0.49 32.93 -7.03
C TYR B 407 1.62 33.82 -7.57
N ALA B 408 1.44 34.43 -8.72
CA ALA B 408 2.51 35.25 -9.38
C ALA B 408 2.89 36.40 -8.46
N VAL B 409 1.93 37.03 -7.81
CA VAL B 409 2.24 38.15 -6.87
C VAL B 409 3.01 37.62 -5.67
N ALA B 410 2.57 36.48 -5.10
CA ALA B 410 3.22 35.89 -3.91
C ALA B 410 4.63 35.42 -4.28
N PHE B 411 4.83 34.87 -5.48
CA PHE B 411 6.10 34.29 -5.93
C PHE B 411 7.13 35.44 -6.02
N ALA B 412 6.78 36.53 -6.70
CA ALA B 412 7.69 37.71 -6.85
C ALA B 412 8.02 38.29 -5.47
N LYS B 413 7.02 38.45 -4.60
CA LYS B 413 7.22 39.03 -3.25
C LYS B 413 8.18 38.13 -2.47
N SER B 414 7.92 36.82 -2.47
CA SER B 414 8.70 35.83 -1.72
C SER B 414 10.15 35.83 -2.20
N LEU B 415 10.42 35.82 -3.51
CA LEU B 415 11.81 35.83 -4.03
C LEU B 415 12.49 37.06 -3.44
N GLY B 416 11.84 38.22 -3.49
CA GLY B 416 12.46 39.46 -2.96
C GLY B 416 12.88 39.29 -1.52
N GLN B 417 12.01 38.67 -0.71
CA GLN B 417 12.23 38.50 0.74
C GLN B 417 13.34 37.50 0.98
N VAL B 418 13.40 36.39 0.20
CA VAL B 418 14.49 35.39 0.32
C VAL B 418 15.83 36.12 0.07
N LEU B 419 15.89 36.90 -0.96
CA LEU B 419 17.17 37.49 -1.42
C LEU B 419 17.61 38.53 -0.39
N ALA B 420 16.70 39.38 0.05
CA ALA B 420 16.96 40.44 1.05
C ALA B 420 17.43 39.80 2.36
N GLU B 421 16.87 38.66 2.79
CA GLU B 421 17.29 38.02 4.06
C GLU B 421 18.69 37.40 3.92
N GLY B 422 19.05 36.89 2.76
CA GLY B 422 20.36 36.30 2.52
C GLY B 422 21.45 37.37 2.52
N ARG B 423 21.14 38.58 2.09
CA ARG B 423 22.10 39.71 1.95
C ARG B 423 22.20 40.50 3.27
N ALA B 424 21.12 40.52 4.06
CA ALA B 424 21.01 41.23 5.35
C ALA B 424 22.14 40.77 6.28
N1 PMP C . 1.09 -10.02 6.97
C2 PMP C . 0.21 -11.00 7.20
C2A PMP C . 0.52 -11.96 8.31
C3 PMP C . -0.93 -11.15 6.42
O3 PMP C . -1.78 -12.21 6.59
C4 PMP C . -1.19 -10.24 5.39
C4A PMP C . -2.37 -10.37 4.47
N4A PMP C . -2.85 -11.76 4.41
C5 PMP C . -0.26 -9.24 5.14
C6 PMP C . 0.84 -9.14 5.98
C5A PMP C . -0.51 -8.25 4.06
O4P PMP C . -1.33 -7.17 4.56
P PMP C . -2.26 -6.26 3.51
O1P PMP C . -2.80 -5.12 4.38
O2P PMP C . -1.30 -5.71 2.48
O3P PMP C . -3.30 -7.19 2.96
S SO4 D . -11.39 -23.34 21.85
O1 SO4 D . -11.56 -22.00 22.27
O2 SO4 D . -12.24 -24.20 22.65
O3 SO4 D . -10.04 -23.74 21.94
O4 SO4 D . -11.82 -23.48 20.50
S SO4 E . -10.05 -22.51 -7.53
O1 SO4 E . -9.06 -21.85 -6.71
O2 SO4 E . -11.38 -22.05 -7.17
O3 SO4 E . -9.78 -22.20 -8.91
O4 SO4 E . -9.95 -23.95 -7.35
S SO4 F . -4.06 -25.85 2.52
O1 SO4 F . -5.12 -26.83 2.72
O2 SO4 F . -4.53 -24.83 1.64
O3 SO4 F . -2.90 -26.51 1.94
O4 SO4 F . -3.69 -25.26 3.78
N1 PMP G . 6.62 6.24 -8.52
C2 PMP G . 6.83 7.55 -8.63
C2A PMP G . 7.49 8.07 -9.88
C3 PMP G . 6.61 8.40 -7.55
O3 PMP G . 6.93 9.75 -7.57
C4 PMP G . 6.04 7.90 -6.37
C4A PMP G . 5.74 8.82 -5.21
N4A PMP G . 6.80 9.79 -4.91
C5 PMP G . 5.75 6.55 -6.30
C6 PMP G . 5.98 5.75 -7.43
C5A PMP G . 5.10 6.03 -5.05
O4P PMP G . 3.64 6.16 -5.12
P PMP G . 2.77 6.18 -3.70
O1P PMP G . 1.33 6.03 -4.17
O2P PMP G . 3.26 4.98 -2.95
O3P PMP G . 3.13 7.49 -3.07
S SO4 H . 6.11 26.12 -21.11
O1 SO4 H . 4.90 25.38 -21.23
O2 SO4 H . 5.92 27.37 -21.78
O3 SO4 H . 7.11 25.34 -21.72
O4 SO4 H . 6.43 26.41 -19.75
S SO4 I . 14.39 20.49 6.41
O1 SO4 I . 14.51 19.51 7.46
O2 SO4 I . 13.37 21.48 6.71
O3 SO4 I . 15.68 21.12 6.20
O4 SO4 I . 14.01 19.81 5.19
#